data_4XDA
#
_entry.id   4XDA
#
_cell.length_a   59.420
_cell.length_b   70.700
_cell.length_c   79.880
_cell.angle_alpha   106.29
_cell.angle_beta   97.65
_cell.angle_gamma   98.68
#
_symmetry.space_group_name_H-M   'P 1'
#
loop_
_entity.id
_entity.type
_entity.pdbx_description
1 polymer Ribokinase
2 non-polymer alpha-D-ribofuranose
3 non-polymer "ADENOSINE-5'-DIPHOSPHATE"
4 non-polymer 'SODIUM ION'
5 water water
#
_entity_poly.entity_id   1
_entity_poly.type   'polypeptide(L)'
_entity_poly.pdbx_seq_one_letter_code
;GSHMNKLVVLGSVNADHVLQVPSFPRPGETLHGRNYQVIPGGKGANQAVAAARMQADVGFIACVGDDSFGINIRESFKLD
GINTAGVKLQPNCPTGIAMIQVSDSGENSICISAEANAKLTAAAIEPDLAAIRDARYLLMQLETPLDGILKAAQEAKTAK
TNVILNPAPARELPDELLKCVDLITPNETEAEVLTGITVYDDSSAQQAADALHCKGIEIVIITLGSKGVWLSQNGRGQRI
PGFVVKATDTTAAGDTFNGALVTGLLQEMPLESAIKFAHAAAAISVTRFGAQTSIPTRAEVEAFLAEHS
;
_entity_poly.pdbx_strand_id   A,B,C,D
#
# COMPACT_ATOMS: atom_id res chain seq x y z
N MET A 4 -43.13 -17.60 -7.58
CA MET A 4 -42.00 -17.79 -8.47
C MET A 4 -41.11 -16.56 -8.70
N ASN A 5 -39.85 -16.64 -8.29
CA ASN A 5 -38.94 -15.51 -8.44
C ASN A 5 -38.57 -15.27 -9.90
N LYS A 6 -38.51 -14.00 -10.28
CA LYS A 6 -38.15 -13.65 -11.65
C LYS A 6 -36.67 -13.92 -11.93
N LEU A 7 -35.85 -13.88 -10.88
CA LEU A 7 -34.45 -14.21 -11.03
C LEU A 7 -34.06 -15.36 -10.12
N VAL A 8 -33.40 -16.35 -10.72
CA VAL A 8 -32.83 -17.42 -9.93
C VAL A 8 -31.33 -17.40 -10.12
N VAL A 9 -30.61 -17.36 -9.00
CA VAL A 9 -29.16 -17.47 -9.04
C VAL A 9 -28.84 -18.88 -8.55
N LEU A 10 -27.92 -19.55 -9.25
CA LEU A 10 -27.44 -20.85 -8.81
C LEU A 10 -25.92 -20.73 -8.77
N GLY A 11 -25.33 -21.09 -7.64
CA GLY A 11 -23.90 -20.93 -7.50
C GLY A 11 -23.42 -21.21 -6.08
N SER A 12 -22.19 -20.80 -5.82
CA SER A 12 -21.48 -21.16 -4.59
C SER A 12 -21.75 -20.26 -3.39
N VAL A 13 -21.47 -20.79 -2.20
CA VAL A 13 -21.41 -20.01 -0.98
C VAL A 13 -20.08 -20.35 -0.31
N ASN A 14 -19.29 -19.34 0.02
CA ASN A 14 -18.05 -19.54 0.75
C ASN A 14 -17.99 -18.67 1.98
N ALA A 15 -17.26 -19.15 3.00
CA ALA A 15 -16.71 -18.31 4.05
C ALA A 15 -15.37 -17.82 3.54
N ASP A 16 -15.20 -16.49 3.44
CA ASP A 16 -13.94 -15.92 2.98
C ASP A 16 -13.02 -15.68 4.18
N HIS A 17 -11.87 -16.34 4.19
CA HIS A 17 -10.89 -16.12 5.24
C HIS A 17 -9.82 -15.14 4.72
N VAL A 18 -9.88 -13.90 5.20
CA VAL A 18 -9.23 -12.82 4.49
C VAL A 18 -8.14 -12.20 5.34
N LEU A 19 -6.98 -11.98 4.73
CA LEU A 19 -5.91 -11.25 5.40
C LEU A 19 -5.50 -10.08 4.56
N GLN A 20 -5.09 -9.00 5.21
CA GLN A 20 -4.53 -7.88 4.45
C GLN A 20 -3.01 -8.02 4.46
N VAL A 21 -2.41 -7.77 3.30
CA VAL A 21 -1.00 -8.06 3.07
C VAL A 21 -0.29 -6.85 2.49
N PRO A 22 1.00 -6.71 2.80
CA PRO A 22 1.74 -5.58 2.21
C PRO A 22 1.97 -5.83 0.73
N SER A 23 2.38 -7.05 0.41
CA SER A 23 2.60 -7.46 -0.98
C SER A 23 2.12 -8.90 -1.10
N PHE A 24 2.37 -9.53 -2.25
CA PHE A 24 1.99 -10.92 -2.44
C PHE A 24 3.17 -11.87 -2.27
N PRO A 25 2.91 -13.08 -1.74
CA PRO A 25 4.02 -13.97 -1.37
C PRO A 25 4.89 -14.41 -2.55
N ARG A 26 6.18 -14.59 -2.29
CA ARG A 26 7.08 -15.25 -3.22
C ARG A 26 7.30 -16.65 -2.68
N PRO A 27 7.55 -17.62 -3.57
CA PRO A 27 7.65 -19.05 -3.19
C PRO A 27 8.47 -19.33 -1.93
N GLY A 28 9.48 -18.50 -1.64
CA GLY A 28 10.42 -18.78 -0.58
C GLY A 28 10.19 -18.14 0.77
N GLU A 29 9.71 -16.90 0.79
CA GLU A 29 9.56 -16.20 2.07
C GLU A 29 8.15 -16.21 2.64
N THR A 30 8.09 -16.10 3.97
CA THR A 30 6.83 -16.00 4.68
C THR A 30 6.33 -14.55 4.67
N LEU A 31 5.11 -14.37 4.20
CA LEU A 31 4.48 -13.05 4.14
C LEU A 31 3.76 -12.79 5.46
N HIS A 32 3.87 -11.58 5.99
CA HIS A 32 3.14 -11.26 7.21
C HIS A 32 1.93 -10.39 6.89
N GLY A 33 0.76 -10.89 7.27
CA GLY A 33 -0.47 -10.14 7.08
C GLY A 33 -1.05 -9.57 8.35
N ARG A 34 -2.26 -9.04 8.25
CA ARG A 34 -2.90 -8.48 9.43
C ARG A 34 -4.40 -8.47 9.20
N ASN A 35 -5.14 -8.17 10.26
CA ASN A 35 -6.59 -7.97 10.20
C ASN A 35 -7.38 -9.16 9.68
N TYR A 36 -7.09 -10.36 10.19
CA TYR A 36 -7.84 -11.54 9.79
C TYR A 36 -9.33 -11.34 10.02
N GLN A 37 -10.12 -11.58 8.98
CA GLN A 37 -11.57 -11.52 9.07
C GLN A 37 -12.18 -12.70 8.35
N VAL A 38 -13.34 -13.15 8.81
CA VAL A 38 -14.09 -14.17 8.08
C VAL A 38 -15.32 -13.48 7.55
N ILE A 39 -15.41 -13.44 6.22
CA ILE A 39 -16.41 -12.61 5.53
C ILE A 39 -17.27 -13.47 4.61
N PRO A 40 -18.59 -13.24 4.61
CA PRO A 40 -19.48 -14.00 3.72
C PRO A 40 -19.11 -13.75 2.25
N GLY A 41 -18.87 -14.82 1.52
CA GLY A 41 -18.48 -14.70 0.13
C GLY A 41 -19.00 -15.84 -0.73
N GLY A 42 -18.22 -16.23 -1.74
CA GLY A 42 -18.69 -17.15 -2.77
C GLY A 42 -19.30 -16.40 -3.93
N LYS A 43 -18.91 -16.72 -5.16
CA LYS A 43 -19.44 -15.95 -6.31
C LYS A 43 -20.96 -16.08 -6.42
N GLY A 44 -21.50 -17.28 -6.15
CA GLY A 44 -22.95 -17.49 -6.15
C GLY A 44 -23.69 -16.56 -5.20
N ALA A 45 -23.28 -16.61 -3.93
CA ALA A 45 -23.88 -15.79 -2.91
C ALA A 45 -23.64 -14.29 -3.12
N ASN A 46 -22.45 -13.92 -3.56
CA ASN A 46 -22.16 -12.52 -3.85
C ASN A 46 -23.10 -11.96 -4.92
N GLN A 47 -23.30 -12.72 -5.99
CA GLN A 47 -24.18 -12.27 -7.08
C GLN A 47 -25.65 -12.27 -6.65
N ALA A 48 -26.04 -13.24 -5.82
CA ALA A 48 -27.40 -13.21 -5.29
C ALA A 48 -27.62 -12.01 -4.36
N VAL A 49 -26.65 -11.72 -3.51
CA VAL A 49 -26.77 -10.60 -2.58
C VAL A 49 -26.76 -9.27 -3.34
N ALA A 50 -25.87 -9.17 -4.34
CA ALA A 50 -25.88 -7.99 -5.22
C ALA A 50 -27.23 -7.78 -5.90
N ALA A 51 -27.81 -8.84 -6.46
CA ALA A 51 -29.13 -8.69 -7.10
C ALA A 51 -30.21 -8.33 -6.08
N ALA A 52 -30.21 -9.01 -4.95
CA ALA A 52 -31.19 -8.69 -3.90
C ALA A 52 -31.11 -7.24 -3.45
N ARG A 53 -29.89 -6.74 -3.22
CA ARG A 53 -29.70 -5.39 -2.77
C ARG A 53 -30.04 -4.39 -3.88
N MET A 54 -29.96 -4.84 -5.14
CA MET A 54 -30.40 -3.99 -6.26
C MET A 54 -31.92 -4.07 -6.44
N GLN A 55 -32.56 -4.83 -5.56
CA GLN A 55 -34.02 -4.95 -5.47
C GLN A 55 -34.62 -5.92 -6.48
N ALA A 56 -33.82 -6.87 -6.91
CA ALA A 56 -34.33 -7.99 -7.71
C ALA A 56 -35.21 -8.93 -6.90
N ASP A 57 -36.13 -9.58 -7.60
CA ASP A 57 -37.00 -10.63 -7.07
C ASP A 57 -36.20 -11.92 -7.23
N VAL A 58 -35.43 -12.26 -6.20
CA VAL A 58 -34.36 -13.24 -6.38
C VAL A 58 -34.46 -14.48 -5.48
N GLY A 59 -34.29 -15.64 -6.10
CA GLY A 59 -34.20 -16.90 -5.36
C GLY A 59 -32.83 -17.51 -5.60
N PHE A 60 -32.30 -18.15 -4.56
CA PHE A 60 -30.94 -18.68 -4.60
C PHE A 60 -30.96 -20.20 -4.48
N ILE A 61 -30.23 -20.87 -5.37
CA ILE A 61 -30.06 -22.32 -5.34
C ILE A 61 -28.60 -22.58 -5.02
N ALA A 62 -28.33 -23.24 -3.88
CA ALA A 62 -26.95 -23.42 -3.47
C ALA A 62 -26.86 -24.47 -2.38
N CYS A 63 -25.64 -24.84 -2.03
CA CYS A 63 -25.38 -25.73 -0.90
C CYS A 63 -24.48 -25.04 0.12
N VAL A 64 -24.88 -25.06 1.39
CA VAL A 64 -24.00 -24.59 2.45
C VAL A 64 -23.73 -25.79 3.36
N GLY A 65 -22.76 -25.66 4.25
CA GLY A 65 -22.45 -26.74 5.18
C GLY A 65 -23.33 -26.73 6.40
N ASP A 66 -23.16 -27.72 7.27
CA ASP A 66 -23.94 -27.75 8.49
C ASP A 66 -23.10 -27.24 9.64
N ASP A 67 -22.02 -26.53 9.31
CA ASP A 67 -21.27 -25.75 10.29
C ASP A 67 -22.07 -24.51 10.71
N SER A 68 -21.68 -23.86 11.79
CA SER A 68 -22.39 -22.67 12.23
C SER A 68 -22.42 -21.61 11.11
N PHE A 69 -21.31 -21.45 10.39
CA PHE A 69 -21.27 -20.47 9.30
C PHE A 69 -22.37 -20.69 8.26
N GLY A 70 -22.53 -21.94 7.85
CA GLY A 70 -23.49 -22.31 6.83
C GLY A 70 -24.92 -22.04 7.28
N ILE A 71 -25.26 -22.50 8.47
CA ILE A 71 -26.59 -22.27 9.03
C ILE A 71 -26.86 -20.77 9.12
N ASN A 72 -25.91 -20.03 9.67
CA ASN A 72 -26.07 -18.61 9.89
C ASN A 72 -26.16 -17.81 8.61
N ILE A 73 -25.33 -18.15 7.62
CA ILE A 73 -25.34 -17.34 6.41
C ILE A 73 -26.62 -17.58 5.60
N ARG A 74 -27.14 -18.81 5.61
CA ARG A 74 -28.41 -19.06 4.95
C ARG A 74 -29.51 -18.20 5.59
N GLU A 75 -29.50 -18.05 6.91
CA GLU A 75 -30.45 -17.15 7.55
C GLU A 75 -30.19 -15.69 7.16
N SER A 76 -28.93 -15.31 7.05
CA SER A 76 -28.58 -13.95 6.66
C SER A 76 -29.13 -13.59 5.27
N PHE A 77 -29.16 -14.56 4.36
CA PHE A 77 -29.62 -14.28 2.99
C PHE A 77 -31.07 -13.82 3.03
N LYS A 78 -31.84 -14.39 3.94
CA LYS A 78 -33.25 -14.03 4.10
C LYS A 78 -33.41 -12.55 4.48
N LEU A 79 -32.48 -12.05 5.27
CA LEU A 79 -32.52 -10.66 5.72
C LEU A 79 -32.22 -9.69 4.58
N ASP A 80 -31.55 -10.18 3.53
CA ASP A 80 -31.34 -9.38 2.33
C ASP A 80 -32.49 -9.59 1.34
N GLY A 81 -33.49 -10.34 1.77
CA GLY A 81 -34.66 -10.58 0.95
C GLY A 81 -34.50 -11.67 -0.09
N ILE A 82 -33.48 -12.52 0.05
CA ILE A 82 -33.34 -13.65 -0.85
C ILE A 82 -34.27 -14.81 -0.46
N ASN A 83 -34.95 -15.38 -1.44
CA ASN A 83 -35.69 -16.61 -1.19
C ASN A 83 -34.70 -17.77 -1.12
N THR A 84 -34.57 -18.38 0.05
CA THR A 84 -33.56 -19.41 0.28
C THR A 84 -34.12 -20.84 0.24
N ALA A 85 -35.33 -21.00 -0.31
CA ALA A 85 -35.96 -22.32 -0.38
C ALA A 85 -35.02 -23.36 -1.01
N GLY A 86 -34.28 -22.94 -2.03
CA GLY A 86 -33.36 -23.83 -2.72
C GLY A 86 -31.93 -23.87 -2.17
N VAL A 87 -31.69 -23.25 -1.03
CA VAL A 87 -30.38 -23.36 -0.40
C VAL A 87 -30.37 -24.56 0.54
N LYS A 88 -29.62 -25.59 0.16
CA LYS A 88 -29.59 -26.84 0.91
C LYS A 88 -28.51 -26.85 1.97
N LEU A 89 -28.84 -27.42 3.14
CA LEU A 89 -27.85 -27.61 4.17
C LEU A 89 -27.29 -29.02 4.04
N GLN A 90 -25.98 -29.13 3.87
CA GLN A 90 -25.33 -30.44 3.67
C GLN A 90 -24.77 -31.05 4.97
N PRO A 91 -25.36 -32.17 5.43
CA PRO A 91 -24.88 -32.82 6.66
C PRO A 91 -23.42 -33.25 6.57
N ASN A 92 -22.67 -33.08 7.67
CA ASN A 92 -21.28 -33.53 7.75
C ASN A 92 -20.38 -32.92 6.68
N CYS A 93 -20.67 -31.67 6.31
CA CYS A 93 -19.84 -30.98 5.33
C CYS A 93 -19.65 -29.55 5.79
N PRO A 94 -18.42 -29.03 5.72
CA PRO A 94 -18.22 -27.61 6.01
C PRO A 94 -18.76 -26.80 4.85
N THR A 95 -19.06 -25.54 5.08
CA THR A 95 -19.36 -24.62 3.99
C THR A 95 -18.09 -24.41 3.16
N GLY A 96 -18.24 -24.14 1.86
CA GLY A 96 -17.09 -23.82 1.02
C GLY A 96 -16.23 -22.73 1.64
N ILE A 97 -14.96 -22.69 1.26
CA ILE A 97 -14.11 -21.65 1.79
C ILE A 97 -13.30 -20.98 0.68
N ALA A 98 -12.84 -19.79 0.99
CA ALA A 98 -11.83 -19.14 0.18
C ALA A 98 -10.78 -18.60 1.13
N MET A 99 -9.50 -18.78 0.77
CA MET A 99 -8.45 -18.05 1.46
C MET A 99 -8.06 -16.88 0.58
N ILE A 100 -8.08 -15.69 1.14
CA ILE A 100 -7.90 -14.46 0.36
C ILE A 100 -6.88 -13.53 1.00
N GLN A 101 -6.02 -12.95 0.17
CA GLN A 101 -5.08 -11.93 0.58
C GLN A 101 -5.35 -10.68 -0.25
N VAL A 102 -5.50 -9.55 0.42
CA VAL A 102 -5.81 -8.29 -0.26
C VAL A 102 -4.68 -7.30 0.02
N SER A 103 -4.07 -6.77 -1.03
CA SER A 103 -2.95 -5.85 -0.84
C SER A 103 -3.46 -4.42 -0.73
N ASP A 104 -2.58 -3.51 -0.36
CA ASP A 104 -2.98 -2.10 -0.21
C ASP A 104 -3.46 -1.47 -1.53
N SER A 105 -3.07 -2.03 -2.66
CA SER A 105 -3.53 -1.56 -3.97
C SER A 105 -4.97 -2.00 -4.27
N GLY A 106 -5.47 -2.94 -3.49
CA GLY A 106 -6.79 -3.49 -3.76
C GLY A 106 -6.77 -4.79 -4.53
N GLU A 107 -5.59 -5.16 -5.02
CA GLU A 107 -5.44 -6.41 -5.73
C GLU A 107 -5.66 -7.55 -4.74
N ASN A 108 -6.01 -8.73 -5.23
CA ASN A 108 -6.27 -9.88 -4.35
C ASN A 108 -5.88 -11.22 -4.96
N SER A 109 -5.51 -12.17 -4.10
CA SER A 109 -5.32 -13.54 -4.55
C SER A 109 -6.33 -14.41 -3.81
N ILE A 110 -6.95 -15.33 -4.53
CA ILE A 110 -8.02 -16.15 -3.95
C ILE A 110 -7.83 -17.61 -4.30
N CYS A 111 -7.91 -18.46 -3.27
CA CYS A 111 -7.86 -19.90 -3.47
C CYS A 111 -9.06 -20.49 -2.78
N ILE A 112 -9.79 -21.35 -3.47
CA ILE A 112 -10.99 -21.91 -2.85
C ILE A 112 -10.92 -23.41 -2.60
N SER A 113 -11.77 -23.86 -1.70
CA SER A 113 -12.02 -25.30 -1.53
C SER A 113 -13.52 -25.50 -1.60
N ALA A 114 -13.95 -26.44 -2.44
CA ALA A 114 -15.39 -26.61 -2.71
C ALA A 114 -16.22 -26.86 -1.46
N GLU A 115 -15.77 -27.81 -0.65
CA GLU A 115 -16.57 -28.31 0.48
C GLU A 115 -18.02 -28.56 0.07
N ALA A 116 -18.99 -28.00 0.80
CA ALA A 116 -20.41 -28.27 0.52
C ALA A 116 -20.86 -27.87 -0.90
N ASN A 117 -20.17 -26.92 -1.52
CA ASN A 117 -20.50 -26.54 -2.90
C ASN A 117 -20.46 -27.73 -3.86
N ALA A 118 -19.63 -28.74 -3.54
CA ALA A 118 -19.49 -29.89 -4.43
C ALA A 118 -20.77 -30.72 -4.49
N LYS A 119 -21.70 -30.41 -3.61
CA LYS A 119 -22.90 -31.23 -3.48
C LYS A 119 -24.04 -30.74 -4.35
N LEU A 120 -23.83 -29.64 -5.05
CA LEU A 120 -24.87 -29.10 -5.91
C LEU A 120 -24.82 -29.76 -7.29
N THR A 121 -25.23 -31.02 -7.33
CA THR A 121 -25.20 -31.80 -8.55
C THR A 121 -26.50 -31.63 -9.34
N ALA A 122 -26.56 -32.23 -10.53
CA ALA A 122 -27.78 -32.22 -11.32
C ALA A 122 -28.94 -32.83 -10.55
N ALA A 123 -28.68 -33.97 -9.91
CA ALA A 123 -29.69 -34.64 -9.09
C ALA A 123 -30.17 -33.72 -7.98
N ALA A 124 -29.24 -32.99 -7.39
CA ALA A 124 -29.57 -32.17 -6.24
C ALA A 124 -30.53 -31.03 -6.60
N ILE A 125 -30.46 -30.56 -7.84
CA ILE A 125 -31.33 -29.45 -8.26
C ILE A 125 -32.66 -29.87 -8.86
N GLU A 126 -32.94 -31.17 -8.89
CA GLU A 126 -34.26 -31.67 -9.28
C GLU A 126 -35.46 -30.92 -8.66
N PRO A 127 -35.44 -30.68 -7.33
CA PRO A 127 -36.57 -29.90 -6.81
C PRO A 127 -36.57 -28.41 -7.18
N ASP A 128 -35.48 -27.93 -7.79
CA ASP A 128 -35.36 -26.51 -8.12
C ASP A 128 -35.64 -26.27 -9.60
N LEU A 129 -35.88 -27.34 -10.35
CA LEU A 129 -36.10 -27.21 -11.81
C LEU A 129 -37.33 -26.38 -12.15
N ALA A 130 -38.34 -26.46 -11.29
CA ALA A 130 -39.55 -25.66 -11.45
C ALA A 130 -39.23 -24.17 -11.35
N ALA A 131 -38.48 -23.80 -10.31
CA ALA A 131 -38.09 -22.40 -10.11
C ALA A 131 -37.28 -21.86 -11.29
N ILE A 132 -36.37 -22.69 -11.80
CA ILE A 132 -35.61 -22.32 -12.98
C ILE A 132 -36.54 -22.03 -14.18
N ARG A 133 -37.57 -22.86 -14.34
CA ARG A 133 -38.52 -22.69 -15.44
C ARG A 133 -39.33 -21.41 -15.32
N ASP A 134 -39.86 -21.14 -14.13
CA ASP A 134 -40.77 -20.01 -13.95
C ASP A 134 -40.03 -18.67 -13.90
N ALA A 135 -38.72 -18.72 -13.76
CA ALA A 135 -37.91 -17.50 -13.72
C ALA A 135 -37.81 -16.87 -15.11
N ARG A 136 -37.44 -15.60 -15.14
CA ARG A 136 -37.16 -14.92 -16.40
C ARG A 136 -35.67 -14.96 -16.71
N TYR A 137 -34.86 -14.98 -15.65
CA TYR A 137 -33.41 -15.03 -15.78
C TYR A 137 -32.80 -16.04 -14.82
N LEU A 138 -31.80 -16.77 -15.30
CA LEU A 138 -31.01 -17.68 -14.49
C LEU A 138 -29.56 -17.20 -14.57
N LEU A 139 -28.98 -16.86 -13.43
CA LEU A 139 -27.59 -16.42 -13.39
C LEU A 139 -26.73 -17.44 -12.64
N MET A 140 -25.65 -17.90 -13.29
CA MET A 140 -24.78 -18.92 -12.72
C MET A 140 -23.31 -18.56 -12.87
N GLN A 141 -22.46 -19.21 -12.09
CA GLN A 141 -21.02 -19.11 -12.25
C GLN A 141 -20.43 -20.51 -12.32
N LEU A 142 -19.14 -20.65 -12.06
CA LEU A 142 -18.47 -21.93 -12.23
C LEU A 142 -17.84 -22.43 -10.94
N GLU A 143 -18.45 -22.12 -9.80
CA GLU A 143 -17.91 -22.57 -8.51
C GLU A 143 -18.69 -23.73 -7.90
N THR A 144 -19.57 -24.32 -8.71
CA THR A 144 -20.31 -25.53 -8.32
C THR A 144 -20.14 -26.57 -9.44
N PRO A 145 -20.55 -27.82 -9.19
CA PRO A 145 -20.31 -28.87 -10.20
C PRO A 145 -20.92 -28.58 -11.58
N LEU A 146 -20.16 -28.92 -12.62
CA LEU A 146 -20.56 -28.64 -13.98
C LEU A 146 -21.87 -29.33 -14.37
N ASP A 147 -22.07 -30.54 -13.87
CA ASP A 147 -23.28 -31.27 -14.22
C ASP A 147 -24.54 -30.53 -13.77
N GLY A 148 -24.44 -29.81 -12.66
CA GLY A 148 -25.59 -29.09 -12.14
C GLY A 148 -25.85 -27.85 -12.97
N ILE A 149 -24.77 -27.17 -13.32
CA ILE A 149 -24.84 -25.96 -14.14
C ILE A 149 -25.44 -26.28 -15.50
N LEU A 150 -25.03 -27.41 -16.08
CA LEU A 150 -25.51 -27.83 -17.39
C LEU A 150 -27.00 -28.16 -17.35
N LYS A 151 -27.41 -28.96 -16.38
CA LYS A 151 -28.82 -29.35 -16.24
C LYS A 151 -29.70 -28.10 -16.13
N ALA A 152 -29.23 -27.13 -15.37
CA ALA A 152 -29.98 -25.92 -15.11
C ALA A 152 -30.15 -25.11 -16.39
N ALA A 153 -29.06 -24.93 -17.12
CA ALA A 153 -29.10 -24.22 -18.40
C ALA A 153 -30.00 -24.94 -19.41
N GLN A 154 -29.95 -26.27 -19.40
CA GLN A 154 -30.80 -27.05 -20.30
C GLN A 154 -32.27 -26.86 -19.96
N GLU A 155 -32.59 -26.85 -18.66
CA GLU A 155 -33.96 -26.70 -18.22
C GLU A 155 -34.49 -25.29 -18.51
N ALA A 156 -33.62 -24.30 -18.42
CA ALA A 156 -34.02 -22.91 -18.60
C ALA A 156 -34.45 -22.64 -20.05
N LYS A 157 -33.81 -23.32 -20.99
CA LYS A 157 -34.08 -23.14 -22.41
C LYS A 157 -35.39 -23.76 -22.90
N THR A 158 -36.01 -24.59 -22.07
CA THR A 158 -37.29 -25.16 -22.43
C THR A 158 -38.44 -24.36 -21.81
N ALA A 159 -38.11 -23.19 -21.26
CA ALA A 159 -39.09 -22.47 -20.45
C ALA A 159 -38.90 -20.96 -20.47
N LYS A 160 -38.39 -20.43 -21.57
CA LYS A 160 -38.22 -18.98 -21.76
C LYS A 160 -37.49 -18.32 -20.60
N THR A 161 -36.45 -18.99 -20.11
CA THR A 161 -35.61 -18.40 -19.08
C THR A 161 -34.29 -17.98 -19.72
N ASN A 162 -33.95 -16.69 -19.60
CA ASN A 162 -32.67 -16.20 -20.08
C ASN A 162 -31.53 -16.81 -19.26
N VAL A 163 -30.50 -17.30 -19.92
CA VAL A 163 -29.36 -17.89 -19.22
C VAL A 163 -28.16 -16.98 -19.27
N ILE A 164 -27.70 -16.57 -18.09
CA ILE A 164 -26.56 -15.69 -17.97
C ILE A 164 -25.46 -16.41 -17.20
N LEU A 165 -24.31 -16.56 -17.85
CA LEU A 165 -23.21 -17.31 -17.27
C LEU A 165 -22.01 -16.41 -17.02
N ASN A 166 -21.58 -16.36 -15.77
CA ASN A 166 -20.35 -15.69 -15.42
C ASN A 166 -19.29 -16.78 -15.27
N PRO A 167 -18.43 -16.93 -16.30
CA PRO A 167 -17.60 -18.14 -16.35
C PRO A 167 -16.38 -18.05 -15.44
N ALA A 168 -16.62 -17.91 -14.14
CA ALA A 168 -15.59 -17.66 -13.16
C ALA A 168 -15.69 -18.69 -12.02
N PRO A 169 -14.54 -19.18 -11.52
CA PRO A 169 -13.19 -18.92 -12.04
C PRO A 169 -12.95 -19.58 -13.38
N ALA A 170 -11.88 -19.17 -14.05
CA ALA A 170 -11.57 -19.62 -15.39
C ALA A 170 -11.47 -21.13 -15.51
N ARG A 171 -12.11 -21.68 -16.53
CA ARG A 171 -11.94 -23.09 -16.90
C ARG A 171 -12.51 -23.30 -18.29
N GLU A 172 -12.19 -24.44 -18.90
CA GLU A 172 -12.76 -24.78 -20.19
C GLU A 172 -14.20 -25.28 -20.01
N LEU A 173 -15.02 -25.07 -21.03
CA LEU A 173 -16.44 -25.41 -20.97
C LEU A 173 -16.89 -26.15 -22.23
N PRO A 174 -17.75 -27.15 -22.08
CA PRO A 174 -18.26 -27.94 -23.21
C PRO A 174 -19.22 -27.16 -24.09
N ASP A 175 -19.22 -27.48 -25.39
CA ASP A 175 -20.12 -26.83 -26.34
C ASP A 175 -21.59 -26.98 -25.96
N GLU A 176 -21.92 -28.10 -25.34
CA GLU A 176 -23.30 -28.37 -24.92
C GLU A 176 -23.81 -27.31 -23.94
N LEU A 177 -22.89 -26.73 -23.15
CA LEU A 177 -23.24 -25.68 -22.21
C LEU A 177 -23.28 -24.30 -22.87
N LEU A 178 -22.24 -23.97 -23.62
CA LEU A 178 -22.12 -22.65 -24.22
C LEU A 178 -23.28 -22.34 -25.16
N LYS A 179 -23.74 -23.33 -25.92
CA LYS A 179 -24.87 -23.13 -26.84
C LYS A 179 -26.16 -22.82 -26.08
N CYS A 180 -26.17 -23.13 -24.78
CA CYS A 180 -27.34 -22.87 -23.93
C CYS A 180 -27.24 -21.57 -23.13
N VAL A 181 -26.26 -20.73 -23.45
CA VAL A 181 -26.04 -19.48 -22.73
C VAL A 181 -26.40 -18.24 -23.56
N ASP A 182 -27.33 -17.43 -23.07
CA ASP A 182 -27.78 -16.25 -23.81
C ASP A 182 -26.83 -15.06 -23.67
N LEU A 183 -26.17 -14.96 -22.52
CA LEU A 183 -25.25 -13.86 -22.28
C LEU A 183 -24.11 -14.35 -21.39
N ILE A 184 -22.88 -14.14 -21.83
CA ILE A 184 -21.70 -14.58 -21.08
C ILE A 184 -20.85 -13.38 -20.65
N THR A 185 -20.31 -13.44 -19.43
CA THR A 185 -19.58 -12.29 -18.88
C THR A 185 -18.15 -12.64 -18.42
N PRO A 186 -17.32 -13.16 -19.33
CA PRO A 186 -15.96 -13.48 -18.92
C PRO A 186 -15.17 -12.22 -18.56
N ASN A 187 -14.17 -12.38 -17.71
CA ASN A 187 -13.14 -11.35 -17.60
C ASN A 187 -12.09 -11.58 -18.67
N GLU A 188 -10.98 -10.85 -18.60
CA GLU A 188 -9.92 -10.97 -19.61
C GLU A 188 -9.25 -12.36 -19.59
N THR A 189 -8.91 -12.82 -18.38
CA THR A 189 -8.33 -14.15 -18.20
C THR A 189 -9.26 -15.26 -18.68
N GLU A 190 -10.52 -15.18 -18.29
CA GLU A 190 -11.51 -16.20 -18.65
C GLU A 190 -11.83 -16.22 -20.14
N ALA A 191 -11.79 -15.07 -20.78
CA ALA A 191 -12.06 -15.02 -22.21
C ALA A 191 -10.99 -15.85 -22.93
N GLU A 192 -9.76 -15.74 -22.45
CA GLU A 192 -8.62 -16.37 -23.09
C GLU A 192 -8.62 -17.88 -22.84
N VAL A 193 -9.03 -18.27 -21.64
CA VAL A 193 -9.13 -19.67 -21.34
C VAL A 193 -10.20 -20.30 -22.22
N LEU A 194 -11.31 -19.59 -22.40
CA LEU A 194 -12.45 -20.12 -23.14
C LEU A 194 -12.21 -20.17 -24.65
N THR A 195 -11.43 -19.23 -25.17
CA THR A 195 -11.30 -19.11 -26.62
C THR A 195 -9.88 -19.29 -27.14
N GLY A 196 -8.89 -19.14 -26.26
CA GLY A 196 -7.51 -19.25 -26.66
C GLY A 196 -7.02 -17.91 -27.18
N ILE A 197 -7.96 -16.99 -27.34
CA ILE A 197 -7.69 -15.66 -27.84
C ILE A 197 -7.44 -14.72 -26.67
N THR A 198 -6.21 -14.27 -26.51
CA THR A 198 -5.88 -13.31 -25.48
C THR A 198 -6.50 -11.96 -25.88
N VAL A 199 -7.06 -11.28 -24.87
CA VAL A 199 -7.71 -9.99 -25.09
C VAL A 199 -6.86 -8.84 -24.57
N TYR A 200 -6.46 -7.95 -25.47
CA TYR A 200 -5.52 -6.88 -25.11
C TYR A 200 -5.92 -5.55 -25.76
N ASP A 201 -6.82 -5.61 -26.73
CA ASP A 201 -7.26 -4.42 -27.46
C ASP A 201 -8.62 -4.66 -28.09
N ASP A 202 -9.09 -3.69 -28.88
CA ASP A 202 -10.41 -3.79 -29.50
C ASP A 202 -10.53 -4.99 -30.46
N SER A 203 -9.55 -5.19 -31.33
CA SER A 203 -9.64 -6.26 -32.31
C SER A 203 -9.57 -7.65 -31.68
N SER A 204 -8.73 -7.81 -30.66
CA SER A 204 -8.60 -9.09 -29.97
C SER A 204 -9.81 -9.37 -29.09
N ALA A 205 -10.35 -8.31 -28.49
CA ALA A 205 -11.61 -8.41 -27.76
C ALA A 205 -12.68 -8.95 -28.70
N GLN A 206 -12.69 -8.45 -29.93
CA GLN A 206 -13.74 -8.80 -30.87
C GLN A 206 -13.53 -10.21 -31.43
N GLN A 207 -12.28 -10.64 -31.46
CA GLN A 207 -11.96 -12.01 -31.86
C GLN A 207 -12.50 -12.98 -30.83
N ALA A 208 -12.14 -12.75 -29.57
CA ALA A 208 -12.60 -13.57 -28.45
C ALA A 208 -14.11 -13.64 -28.45
N ALA A 209 -14.75 -12.50 -28.64
CA ALA A 209 -16.20 -12.42 -28.62
C ALA A 209 -16.81 -13.21 -29.78
N ASP A 210 -16.21 -13.08 -30.97
CA ASP A 210 -16.71 -13.77 -32.15
C ASP A 210 -16.63 -15.27 -31.96
N ALA A 211 -15.53 -15.71 -31.37
CA ALA A 211 -15.34 -17.12 -31.03
C ALA A 211 -16.48 -17.59 -30.13
N LEU A 212 -16.92 -16.72 -29.23
CA LEU A 212 -18.02 -17.06 -28.32
C LEU A 212 -19.35 -17.00 -29.06
N HIS A 213 -19.46 -16.05 -30.00
CA HIS A 213 -20.65 -15.97 -30.84
C HIS A 213 -20.81 -17.23 -31.68
N CYS A 214 -19.69 -17.77 -32.15
CA CYS A 214 -19.71 -19.00 -32.94
C CYS A 214 -20.16 -20.18 -32.08
N LYS A 215 -19.85 -20.11 -30.80
CA LYS A 215 -20.29 -21.14 -29.85
C LYS A 215 -21.78 -20.99 -29.54
N GLY A 216 -22.41 -19.98 -30.13
CA GLY A 216 -23.86 -19.84 -30.06
C GLY A 216 -24.36 -18.88 -29.02
N ILE A 217 -23.46 -18.09 -28.44
CA ILE A 217 -23.83 -17.13 -27.41
C ILE A 217 -24.07 -15.76 -28.01
N GLU A 218 -25.33 -15.32 -27.95
CA GLU A 218 -25.79 -14.08 -28.57
C GLU A 218 -25.07 -12.83 -28.05
N ILE A 219 -25.06 -12.64 -26.73
CA ILE A 219 -24.47 -11.43 -26.16
C ILE A 219 -23.21 -11.76 -25.37
N VAL A 220 -22.12 -11.06 -25.69
CA VAL A 220 -20.88 -11.26 -24.99
C VAL A 220 -20.45 -9.97 -24.30
N ILE A 221 -20.10 -10.08 -23.03
CA ILE A 221 -19.57 -8.96 -22.28
C ILE A 221 -18.27 -9.36 -21.61
N ILE A 222 -17.16 -8.84 -22.13
CA ILE A 222 -15.86 -9.10 -21.53
C ILE A 222 -15.51 -7.99 -20.57
N THR A 223 -15.35 -8.32 -19.30
CA THR A 223 -15.07 -7.29 -18.31
C THR A 223 -13.58 -6.98 -18.32
N LEU A 224 -13.24 -5.70 -18.27
CA LEU A 224 -11.85 -5.26 -18.44
C LEU A 224 -11.33 -4.51 -17.24
N GLY A 225 -11.80 -4.87 -16.05
CA GLY A 225 -11.38 -4.15 -14.86
C GLY A 225 -11.80 -2.69 -14.91
N SER A 226 -10.88 -1.81 -14.52
CA SER A 226 -11.11 -0.37 -14.53
C SER A 226 -11.34 0.20 -15.94
N LYS A 227 -11.07 -0.61 -16.97
CA LYS A 227 -11.24 -0.19 -18.35
C LYS A 227 -12.70 -0.36 -18.79
N GLY A 228 -13.55 -0.87 -17.89
CA GLY A 228 -14.95 -1.05 -18.21
C GLY A 228 -15.23 -2.43 -18.75
N VAL A 229 -15.99 -2.51 -19.83
CA VAL A 229 -16.29 -3.78 -20.49
C VAL A 229 -16.26 -3.68 -22.01
N TRP A 230 -16.10 -4.82 -22.66
CA TRP A 230 -16.31 -4.92 -24.10
C TRP A 230 -17.64 -5.60 -24.37
N LEU A 231 -18.61 -4.84 -24.89
CA LEU A 231 -19.90 -5.41 -25.27
C LEU A 231 -19.97 -5.77 -26.74
N SER A 232 -20.26 -7.05 -27.02
CA SER A 232 -20.45 -7.51 -28.39
C SER A 232 -21.82 -8.15 -28.59
N GLN A 233 -22.54 -7.68 -29.61
CA GLN A 233 -23.86 -8.20 -29.91
C GLN A 233 -23.89 -8.72 -31.35
N ASN A 234 -23.72 -10.04 -31.48
CA ASN A 234 -23.51 -10.71 -32.76
C ASN A 234 -22.66 -9.93 -33.75
N GLY A 235 -21.35 -9.93 -33.53
CA GLY A 235 -20.42 -9.31 -34.45
C GLY A 235 -20.10 -7.86 -34.15
N ARG A 236 -21.05 -7.13 -33.55
CA ARG A 236 -20.88 -5.70 -33.30
C ARG A 236 -20.33 -5.43 -31.90
N GLY A 237 -19.12 -4.90 -31.81
CA GLY A 237 -18.49 -4.68 -30.52
C GLY A 237 -18.21 -3.22 -30.19
N GLN A 238 -18.09 -2.93 -28.89
CA GLN A 238 -17.82 -1.58 -28.42
C GLN A 238 -17.35 -1.62 -26.97
N ARG A 239 -16.50 -0.69 -26.58
CA ARG A 239 -16.12 -0.56 -25.18
C ARG A 239 -17.07 0.37 -24.42
N ILE A 240 -17.63 -0.13 -23.33
CA ILE A 240 -18.44 0.69 -22.45
C ILE A 240 -17.65 0.90 -21.17
N PRO A 241 -17.19 2.13 -20.95
CA PRO A 241 -16.26 2.41 -19.85
C PRO A 241 -16.97 2.37 -18.50
N GLY A 242 -16.20 2.08 -17.46
CA GLY A 242 -16.73 2.10 -16.12
C GLY A 242 -16.62 3.47 -15.48
N PHE A 243 -16.68 3.50 -14.16
CA PHE A 243 -16.41 4.70 -13.39
C PHE A 243 -15.05 4.53 -12.74
N VAL A 244 -14.36 5.63 -12.46
CA VAL A 244 -13.00 5.50 -11.92
C VAL A 244 -12.93 5.82 -10.45
N VAL A 245 -12.42 4.87 -9.66
CA VAL A 245 -12.35 5.00 -8.22
C VAL A 245 -11.03 4.43 -7.71
N LYS A 246 -10.67 4.82 -6.49
CA LYS A 246 -9.52 4.26 -5.80
C LYS A 246 -9.90 2.89 -5.26
N ALA A 247 -9.12 1.87 -5.58
CA ALA A 247 -9.44 0.50 -5.16
C ALA A 247 -9.02 0.21 -3.72
N THR A 248 -9.95 -0.31 -2.93
CA THR A 248 -9.66 -0.80 -1.58
C THR A 248 -9.56 -2.33 -1.65
N ASP A 249 -10.45 -2.91 -2.46
CA ASP A 249 -10.53 -4.37 -2.58
C ASP A 249 -11.40 -4.69 -3.79
N THR A 250 -10.85 -5.37 -4.80
CA THR A 250 -11.64 -5.71 -5.98
C THR A 250 -12.35 -7.06 -5.88
N THR A 251 -12.21 -7.73 -4.73
CA THR A 251 -12.94 -8.97 -4.47
C THR A 251 -14.41 -8.60 -4.62
N ALA A 252 -15.13 -9.39 -5.40
CA ALA A 252 -16.57 -9.23 -5.63
C ALA A 252 -16.99 -8.07 -6.55
N ALA A 253 -16.02 -7.39 -7.17
CA ALA A 253 -16.34 -6.33 -8.14
C ALA A 253 -17.12 -6.94 -9.29
N GLY A 254 -16.57 -8.05 -9.81
CA GLY A 254 -17.20 -8.80 -10.87
C GLY A 254 -18.54 -9.38 -10.46
N ASP A 255 -18.61 -9.93 -9.24
CA ASP A 255 -19.88 -10.44 -8.75
C ASP A 255 -20.93 -9.34 -8.68
N THR A 256 -20.53 -8.18 -8.18
CA THR A 256 -21.45 -7.06 -8.01
C THR A 256 -21.92 -6.60 -9.38
N PHE A 257 -21.00 -6.56 -10.33
CA PHE A 257 -21.33 -6.20 -11.70
C PHE A 257 -22.40 -7.14 -12.28
N ASN A 258 -22.19 -8.44 -12.12
CA ASN A 258 -23.13 -9.44 -12.63
C ASN A 258 -24.51 -9.39 -11.99
N GLY A 259 -24.56 -9.35 -10.67
CA GLY A 259 -25.84 -9.27 -9.97
C GLY A 259 -26.63 -8.03 -10.35
N ALA A 260 -25.93 -6.90 -10.48
CA ALA A 260 -26.58 -5.63 -10.81
C ALA A 260 -27.01 -5.58 -12.27
N LEU A 261 -26.18 -6.13 -13.16
CA LEU A 261 -26.50 -6.20 -14.58
C LEU A 261 -27.79 -6.98 -14.84
N VAL A 262 -27.87 -8.19 -14.30
CA VAL A 262 -29.06 -8.99 -14.52
C VAL A 262 -30.28 -8.32 -13.92
N THR A 263 -30.09 -7.63 -12.80
CA THR A 263 -31.19 -6.93 -12.15
C THR A 263 -31.65 -5.80 -13.06
N GLY A 264 -30.69 -5.06 -13.61
CA GLY A 264 -31.01 -3.97 -14.52
C GLY A 264 -31.83 -4.47 -15.69
N LEU A 265 -31.39 -5.59 -16.27
CA LEU A 265 -32.06 -6.19 -17.42
C LEU A 265 -33.47 -6.65 -17.07
N LEU A 266 -33.58 -7.35 -15.94
CA LEU A 266 -34.85 -7.81 -15.41
C LEU A 266 -35.81 -6.65 -15.25
N GLN A 267 -35.28 -5.49 -14.86
CA GLN A 267 -36.12 -4.32 -14.62
C GLN A 267 -36.23 -3.44 -15.86
N GLU A 268 -36.02 -4.07 -17.01
CA GLU A 268 -36.29 -3.48 -18.31
C GLU A 268 -35.41 -2.31 -18.72
N MET A 269 -34.24 -2.17 -18.09
CA MET A 269 -33.26 -1.20 -18.56
C MET A 269 -32.64 -1.76 -19.82
N PRO A 270 -32.53 -0.92 -20.87
CA PRO A 270 -31.83 -1.33 -22.09
C PRO A 270 -30.42 -1.80 -21.76
N LEU A 271 -29.89 -2.71 -22.55
CA LEU A 271 -28.61 -3.34 -22.24
C LEU A 271 -27.47 -2.37 -21.88
N GLU A 272 -27.28 -1.32 -22.67
CA GLU A 272 -26.21 -0.37 -22.36
C GLU A 272 -26.44 0.36 -21.04
N SER A 273 -27.70 0.60 -20.69
CA SER A 273 -28.03 1.28 -19.45
C SER A 273 -27.79 0.33 -18.28
N ALA A 274 -28.14 -0.93 -18.45
CA ALA A 274 -27.94 -1.93 -17.39
C ALA A 274 -26.46 -2.14 -17.08
N ILE A 275 -25.64 -1.94 -18.11
CA ILE A 275 -24.20 -2.02 -17.94
C ILE A 275 -23.65 -0.84 -17.15
N LYS A 276 -24.15 0.37 -17.43
CA LYS A 276 -23.73 1.56 -16.68
C LYS A 276 -24.14 1.43 -15.22
N PHE A 277 -25.35 0.94 -15.03
CA PHE A 277 -25.92 0.67 -13.71
C PHE A 277 -25.00 -0.32 -12.98
N ALA A 278 -24.67 -1.41 -13.67
CA ALA A 278 -23.78 -2.42 -13.08
C ALA A 278 -22.37 -1.86 -12.81
N HIS A 279 -21.87 -0.99 -13.68
CA HIS A 279 -20.58 -0.35 -13.43
C HIS A 279 -20.58 0.48 -12.15
N ALA A 280 -21.68 1.17 -11.89
CA ALA A 280 -21.77 2.04 -10.71
C ALA A 280 -21.76 1.19 -9.44
N ALA A 281 -22.56 0.13 -9.44
CA ALA A 281 -22.61 -0.76 -8.29
C ALA A 281 -21.22 -1.37 -8.06
N ALA A 282 -20.58 -1.80 -9.13
CA ALA A 282 -19.29 -2.46 -9.02
C ALA A 282 -18.23 -1.47 -8.57
N ALA A 283 -18.29 -0.24 -9.08
CA ALA A 283 -17.30 0.77 -8.68
C ALA A 283 -17.39 1.11 -7.20
N ILE A 284 -18.61 1.22 -6.70
CA ILE A 284 -18.78 1.50 -5.29
C ILE A 284 -18.18 0.34 -4.50
N SER A 285 -18.43 -0.88 -4.96
CA SER A 285 -17.97 -2.07 -4.23
C SER A 285 -16.44 -2.12 -4.22
N VAL A 286 -15.80 -1.57 -5.26
CA VAL A 286 -14.35 -1.53 -5.37
C VAL A 286 -13.74 -0.66 -4.25
N THR A 287 -14.51 0.31 -3.77
CA THR A 287 -14.03 1.20 -2.73
C THR A 287 -14.21 0.62 -1.33
N ARG A 288 -14.76 -0.59 -1.25
CA ARG A 288 -15.07 -1.20 0.03
C ARG A 288 -14.48 -2.58 0.18
N PHE A 289 -14.27 -2.97 1.44
CA PHE A 289 -13.54 -4.20 1.77
C PHE A 289 -14.43 -5.41 1.95
N GLY A 290 -13.96 -6.56 1.48
CA GLY A 290 -14.64 -7.83 1.68
C GLY A 290 -15.71 -8.08 0.64
N ALA A 291 -16.07 -9.35 0.48
CA ALA A 291 -17.04 -9.74 -0.53
C ALA A 291 -18.43 -9.13 -0.29
N GLN A 292 -19.28 -9.78 0.50
CA GLN A 292 -20.65 -9.30 0.62
C GLN A 292 -20.72 -8.00 1.40
N THR A 293 -19.68 -7.73 2.17
CA THR A 293 -19.58 -6.49 2.91
C THR A 293 -19.35 -5.26 2.02
N SER A 294 -18.95 -5.47 0.77
CA SER A 294 -18.67 -4.33 -0.13
C SER A 294 -19.85 -4.03 -1.05
N ILE A 295 -20.86 -4.90 -1.03
CA ILE A 295 -21.95 -4.78 -2.00
C ILE A 295 -22.92 -3.68 -1.59
N PRO A 296 -23.09 -2.65 -2.45
CA PRO A 296 -23.88 -1.50 -2.05
C PRO A 296 -25.38 -1.75 -2.11
N THR A 297 -26.15 -0.82 -1.58
CA THR A 297 -27.60 -0.89 -1.68
C THR A 297 -28.06 -0.13 -2.93
N ARG A 298 -29.30 -0.39 -3.35
CA ARG A 298 -29.85 0.29 -4.51
C ARG A 298 -29.81 1.80 -4.36
N ALA A 299 -30.11 2.27 -3.14
CA ALA A 299 -30.10 3.70 -2.86
C ALA A 299 -28.72 4.31 -3.10
N GLU A 300 -27.68 3.57 -2.71
CA GLU A 300 -26.32 4.06 -2.87
C GLU A 300 -25.94 4.14 -4.34
N VAL A 301 -26.34 3.11 -5.08
CA VAL A 301 -26.10 3.11 -6.54
C VAL A 301 -26.84 4.25 -7.24
N GLU A 302 -28.09 4.49 -6.87
CA GLU A 302 -28.80 5.64 -7.46
C GLU A 302 -28.11 6.96 -7.16
N ALA A 303 -27.66 7.16 -5.92
CA ALA A 303 -27.02 8.39 -5.52
C ALA A 303 -25.74 8.58 -6.32
N PHE A 304 -24.98 7.50 -6.47
CA PHE A 304 -23.76 7.52 -7.26
C PHE A 304 -24.03 7.98 -8.69
N LEU A 305 -25.03 7.37 -9.31
CA LEU A 305 -25.40 7.73 -10.67
C LEU A 305 -25.89 9.17 -10.76
N ALA A 306 -26.59 9.64 -9.73
CA ALA A 306 -27.03 11.03 -9.69
C ALA A 306 -25.85 12.00 -9.69
N GLU A 307 -24.77 11.62 -9.01
CA GLU A 307 -23.58 12.46 -8.91
C GLU A 307 -22.71 12.42 -10.17
N HIS A 308 -22.63 11.27 -10.81
CA HIS A 308 -21.60 11.02 -11.83
C HIS A 308 -22.23 10.71 -13.16
N SER A 309 -23.44 11.25 -13.29
CA SER A 309 -24.44 10.96 -14.32
C SER A 309 -24.20 9.78 -15.26
N MET B 4 3.60 -26.16 40.97
CA MET B 4 4.41 -25.38 40.04
C MET B 4 4.96 -26.31 38.96
N ASN B 5 4.69 -25.99 37.69
CA ASN B 5 5.11 -26.88 36.62
C ASN B 5 6.63 -26.85 36.46
N LYS B 6 7.22 -28.01 36.21
CA LYS B 6 8.66 -28.08 36.07
C LYS B 6 9.09 -27.49 34.74
N LEU B 7 8.23 -27.63 33.74
CA LEU B 7 8.44 -27.02 32.42
C LEU B 7 7.43 -25.91 32.16
N VAL B 8 7.91 -24.73 31.83
CA VAL B 8 7.04 -23.70 31.29
C VAL B 8 7.39 -23.41 29.83
N VAL B 9 6.39 -23.44 28.96
CA VAL B 9 6.60 -23.06 27.56
C VAL B 9 5.93 -21.70 27.39
N LEU B 10 6.63 -20.78 26.72
CA LEU B 10 6.05 -19.50 26.36
C LEU B 10 6.16 -19.34 24.85
N GLY B 11 5.04 -19.03 24.20
CA GLY B 11 5.09 -18.89 22.75
C GLY B 11 3.75 -18.72 22.07
N SER B 12 3.78 -18.85 20.75
CA SER B 12 2.63 -18.54 19.92
C SER B 12 1.55 -19.64 19.90
N VAL B 13 0.32 -19.24 19.60
CA VAL B 13 -0.70 -20.17 19.15
C VAL B 13 -1.27 -19.71 17.80
N ASN B 14 -1.33 -20.61 16.82
CA ASN B 14 -1.93 -20.30 15.53
C ASN B 14 -2.94 -21.35 15.17
N ALA B 15 -3.98 -20.94 14.45
CA ALA B 15 -4.75 -21.87 13.66
C ALA B 15 -4.09 -21.96 12.29
N ASP B 16 -3.60 -23.15 11.95
CA ASP B 16 -3.02 -23.37 10.63
C ASP B 16 -4.12 -23.69 9.61
N HIS B 17 -4.39 -22.77 8.69
CA HIS B 17 -5.36 -23.05 7.62
C HIS B 17 -4.66 -23.59 6.39
N VAL B 18 -4.81 -24.89 6.15
CA VAL B 18 -4.03 -25.57 5.10
C VAL B 18 -4.88 -25.93 3.90
N LEU B 19 -4.39 -25.60 2.72
CA LEU B 19 -5.07 -25.92 1.48
C LEU B 19 -4.03 -26.45 0.50
N GLN B 20 -4.39 -27.46 -0.26
CA GLN B 20 -3.53 -27.92 -1.35
C GLN B 20 -4.02 -27.26 -2.63
N VAL B 21 -3.09 -26.70 -3.40
CA VAL B 21 -3.43 -26.00 -4.63
C VAL B 21 -2.54 -26.55 -5.76
N PRO B 22 -2.99 -26.41 -7.02
CA PRO B 22 -2.19 -26.95 -8.13
C PRO B 22 -0.93 -26.14 -8.42
N SER B 23 -1.01 -24.82 -8.35
CA SER B 23 0.14 -23.95 -8.62
C SER B 23 0.31 -22.93 -7.50
N PHE B 24 1.47 -22.27 -7.49
CA PHE B 24 1.71 -21.19 -6.53
C PHE B 24 0.69 -20.08 -6.72
N PRO B 25 0.05 -19.65 -5.62
CA PRO B 25 -1.01 -18.65 -5.64
C PRO B 25 -0.52 -17.28 -6.13
N ARG B 26 -1.17 -16.76 -7.17
CA ARG B 26 -0.88 -15.43 -7.71
C ARG B 26 -2.15 -14.57 -7.73
N PRO B 27 -1.99 -13.25 -7.63
CA PRO B 27 -3.13 -12.32 -7.74
C PRO B 27 -3.84 -12.48 -9.08
N GLY B 28 -5.12 -12.14 -9.10
CA GLY B 28 -5.93 -12.27 -10.29
C GLY B 28 -6.98 -13.35 -10.15
N GLU B 29 -6.97 -14.30 -11.08
CA GLU B 29 -7.97 -15.36 -11.14
C GLU B 29 -7.98 -16.24 -9.90
N THR B 30 -9.18 -16.62 -9.46
CA THR B 30 -9.37 -17.52 -8.34
C THR B 30 -8.85 -18.92 -8.68
N LEU B 31 -8.06 -19.50 -7.78
CA LEU B 31 -7.51 -20.85 -7.96
C LEU B 31 -8.33 -21.89 -7.23
N HIS B 32 -8.68 -22.98 -7.91
CA HIS B 32 -9.35 -24.10 -7.24
C HIS B 32 -8.35 -24.90 -6.40
N GLY B 33 -8.58 -24.96 -5.09
CA GLY B 33 -7.78 -25.80 -4.21
C GLY B 33 -8.55 -27.01 -3.73
N ARG B 34 -8.02 -27.69 -2.71
CA ARG B 34 -8.61 -28.94 -2.23
C ARG B 34 -8.05 -29.35 -0.87
N ASN B 35 -8.76 -30.25 -0.19
CA ASN B 35 -8.28 -30.82 1.08
C ASN B 35 -8.06 -29.80 2.19
N TYR B 36 -8.97 -28.85 2.31
CA TYR B 36 -8.84 -27.79 3.30
C TYR B 36 -8.95 -28.37 4.70
N GLN B 37 -8.05 -27.92 5.57
CA GLN B 37 -8.05 -28.31 6.98
C GLN B 37 -7.66 -27.14 7.84
N VAL B 38 -8.23 -27.04 9.03
CA VAL B 38 -7.70 -26.15 10.04
C VAL B 38 -7.02 -27.07 11.07
N ILE B 39 -5.70 -26.93 11.21
CA ILE B 39 -4.93 -27.77 12.14
C ILE B 39 -4.38 -26.84 13.21
N PRO B 40 -4.51 -27.23 14.49
CA PRO B 40 -3.92 -26.39 15.54
C PRO B 40 -2.42 -26.35 15.32
N GLY B 41 -1.80 -25.18 15.46
CA GLY B 41 -0.41 -24.97 15.16
C GLY B 41 0.17 -23.84 15.98
N GLY B 42 1.22 -23.21 15.46
CA GLY B 42 1.98 -22.21 16.19
C GLY B 42 3.15 -22.89 16.90
N LYS B 43 4.34 -22.30 16.82
CA LYS B 43 5.52 -22.91 17.47
C LYS B 43 5.32 -23.13 18.97
N GLY B 44 4.72 -22.15 19.65
CA GLY B 44 4.50 -22.28 21.08
C GLY B 44 3.62 -23.47 21.43
N ALA B 45 2.44 -23.52 20.84
CA ALA B 45 1.49 -24.60 21.05
C ALA B 45 2.04 -25.95 20.61
N ASN B 46 2.65 -26.00 19.42
CA ASN B 46 3.29 -27.25 18.99
C ASN B 46 4.32 -27.75 20.00
N GLN B 47 5.13 -26.86 20.54
CA GLN B 47 6.14 -27.31 21.50
C GLN B 47 5.54 -27.71 22.83
N ALA B 48 4.50 -27.02 23.28
CA ALA B 48 3.82 -27.38 24.53
C ALA B 48 3.06 -28.70 24.39
N VAL B 49 2.43 -28.88 23.23
CA VAL B 49 1.76 -30.13 22.92
C VAL B 49 2.76 -31.31 22.80
N ALA B 50 3.87 -31.09 22.09
CA ALA B 50 4.94 -32.09 22.03
C ALA B 50 5.37 -32.48 23.44
N ALA B 51 5.65 -31.49 24.29
CA ALA B 51 6.07 -31.81 25.66
C ALA B 51 4.99 -32.54 26.44
N ALA B 52 3.76 -32.10 26.32
CA ALA B 52 2.66 -32.77 27.02
C ALA B 52 2.50 -34.22 26.56
N ARG B 53 2.59 -34.45 25.26
CA ARG B 53 2.48 -35.80 24.70
C ARG B 53 3.64 -36.70 25.14
N MET B 54 4.77 -36.07 25.44
CA MET B 54 5.94 -36.80 25.93
C MET B 54 5.87 -36.91 27.46
N GLN B 55 4.77 -36.40 28.01
CA GLN B 55 4.42 -36.51 29.43
C GLN B 55 5.18 -35.57 30.35
N ALA B 56 5.61 -34.43 29.82
CA ALA B 56 6.23 -33.42 30.65
C ALA B 56 5.22 -32.82 31.62
N ASP B 57 5.73 -32.29 32.72
CA ASP B 57 4.94 -31.54 33.68
C ASP B 57 4.98 -30.09 33.21
N VAL B 58 4.06 -29.72 32.31
CA VAL B 58 4.19 -28.48 31.55
C VAL B 58 3.04 -27.47 31.72
N GLY B 59 3.43 -26.22 31.94
CA GLY B 59 2.50 -25.10 31.81
C GLY B 59 2.80 -24.29 30.57
N PHE B 60 1.79 -23.65 30.03
CA PHE B 60 1.92 -22.88 28.78
C PHE B 60 1.52 -21.43 29.04
N ILE B 61 2.35 -20.50 28.61
CA ILE B 61 2.05 -19.08 28.61
C ILE B 61 1.86 -18.62 27.18
N ALA B 62 0.68 -18.09 26.87
CA ALA B 62 0.37 -17.69 25.49
C ALA B 62 -0.85 -16.78 25.46
N CYS B 63 -1.06 -16.14 24.32
CA CYS B 63 -2.29 -15.39 24.02
C CYS B 63 -3.03 -16.02 22.84
N VAL B 64 -4.29 -16.35 23.05
CA VAL B 64 -5.14 -16.84 21.99
C VAL B 64 -6.29 -15.84 21.86
N GLY B 65 -7.12 -16.02 20.84
CA GLY B 65 -8.20 -15.10 20.59
C GLY B 65 -9.46 -15.50 21.31
N ASP B 66 -10.49 -14.65 21.24
CA ASP B 66 -11.77 -15.01 21.84
C ASP B 66 -12.73 -15.49 20.75
N ASP B 67 -12.15 -15.94 19.63
CA ASP B 67 -12.88 -16.68 18.63
C ASP B 67 -13.13 -18.10 19.13
N SER B 68 -13.95 -18.86 18.42
CA SER B 68 -14.21 -20.25 18.82
C SER B 68 -12.93 -21.07 18.87
N PHE B 69 -12.04 -20.78 17.93
CA PHE B 69 -10.81 -21.54 17.88
C PHE B 69 -10.01 -21.35 19.17
N GLY B 70 -9.91 -20.12 19.66
CA GLY B 70 -9.13 -19.82 20.84
C GLY B 70 -9.79 -20.37 22.10
N ILE B 71 -11.10 -20.15 22.20
CA ILE B 71 -11.86 -20.69 23.32
C ILE B 71 -11.71 -22.22 23.37
N ASN B 72 -11.88 -22.86 22.23
CA ASN B 72 -11.81 -24.31 22.16
C ASN B 72 -10.42 -24.88 22.39
N ILE B 73 -9.40 -24.20 21.88
CA ILE B 73 -8.07 -24.80 21.94
C ILE B 73 -7.54 -24.77 23.37
N ARG B 74 -7.96 -23.76 24.13
CA ARG B 74 -7.52 -23.65 25.52
C ARG B 74 -8.06 -24.83 26.31
N GLU B 75 -9.31 -25.19 26.02
CA GLU B 75 -9.91 -26.36 26.62
C GLU B 75 -9.18 -27.63 26.15
N SER B 76 -8.84 -27.68 24.87
CA SER B 76 -8.13 -28.84 24.32
C SER B 76 -6.75 -29.01 24.97
N PHE B 77 -6.00 -27.92 25.12
CA PHE B 77 -4.72 -27.96 25.83
C PHE B 77 -4.85 -28.62 27.20
N LYS B 78 -5.91 -28.32 27.93
CA LYS B 78 -6.15 -28.94 29.23
C LYS B 78 -6.22 -30.46 29.13
N LEU B 79 -6.89 -30.95 28.08
CA LEU B 79 -7.04 -32.38 27.88
C LEU B 79 -5.71 -33.03 27.52
N ASP B 80 -4.80 -32.25 26.92
CA ASP B 80 -3.47 -32.74 26.56
C ASP B 80 -2.57 -32.94 27.79
N GLY B 81 -3.02 -32.42 28.93
CA GLY B 81 -2.20 -32.39 30.12
C GLY B 81 -1.39 -31.12 30.32
N ILE B 82 -1.78 -30.03 29.67
CA ILE B 82 -1.08 -28.76 29.81
C ILE B 82 -1.77 -27.84 30.82
N ASN B 83 -1.01 -27.27 31.73
CA ASN B 83 -1.57 -26.26 32.61
C ASN B 83 -1.80 -24.97 31.82
N THR B 84 -3.06 -24.58 31.69
CA THR B 84 -3.43 -23.44 30.84
C THR B 84 -3.70 -22.16 31.62
N ALA B 85 -3.28 -22.13 32.88
CA ALA B 85 -3.49 -20.96 33.71
C ALA B 85 -2.91 -19.69 33.08
N GLY B 86 -1.80 -19.85 32.35
CA GLY B 86 -1.12 -18.73 31.72
C GLY B 86 -1.54 -18.45 30.29
N VAL B 87 -2.56 -19.18 29.80
CA VAL B 87 -3.11 -18.95 28.48
C VAL B 87 -4.23 -17.90 28.56
N LYS B 88 -4.00 -16.77 27.92
CA LYS B 88 -4.94 -15.65 27.94
C LYS B 88 -5.86 -15.65 26.71
N LEU B 89 -7.14 -15.36 26.92
CA LEU B 89 -8.05 -15.14 25.80
C LEU B 89 -8.14 -13.63 25.63
N GLN B 90 -7.77 -13.14 24.46
CA GLN B 90 -7.75 -11.70 24.22
C GLN B 90 -9.08 -11.26 23.65
N PRO B 91 -9.73 -10.27 24.30
CA PRO B 91 -11.07 -9.87 23.88
C PRO B 91 -11.05 -9.18 22.52
N ASN B 92 -12.07 -9.41 21.70
CA ASN B 92 -12.20 -8.77 20.39
C ASN B 92 -10.98 -9.00 19.50
N CYS B 93 -10.49 -10.23 19.49
CA CYS B 93 -9.27 -10.53 18.78
C CYS B 93 -9.26 -12.00 18.36
N PRO B 94 -9.00 -12.28 17.08
CA PRO B 94 -8.92 -13.67 16.65
C PRO B 94 -7.63 -14.30 17.10
N THR B 95 -7.56 -15.63 17.03
CA THR B 95 -6.31 -16.31 17.34
C THR B 95 -5.37 -16.07 16.15
N GLY B 96 -4.05 -16.06 16.39
CA GLY B 96 -3.05 -16.10 15.34
C GLY B 96 -3.40 -17.10 14.25
N ILE B 97 -3.14 -16.74 13.00
CA ILE B 97 -3.38 -17.69 11.93
C ILE B 97 -2.19 -17.82 11.00
N ALA B 98 -2.04 -19.00 10.45
CA ALA B 98 -1.08 -19.21 9.38
C ALA B 98 -1.90 -19.74 8.21
N MET B 99 -1.89 -19.01 7.09
CA MET B 99 -2.51 -19.49 5.88
C MET B 99 -1.45 -20.19 5.03
N ILE B 100 -1.55 -21.51 4.96
CA ILE B 100 -0.53 -22.35 4.34
C ILE B 100 -1.11 -22.98 3.09
N GLN B 101 -0.57 -22.60 1.95
CA GLN B 101 -1.08 -23.11 0.69
C GLN B 101 -0.02 -23.99 0.03
N VAL B 102 -0.31 -25.29 0.01
CA VAL B 102 0.66 -26.30 -0.40
C VAL B 102 0.49 -26.63 -1.87
N SER B 103 1.39 -26.13 -2.71
CA SER B 103 1.24 -26.28 -4.15
C SER B 103 1.77 -27.62 -4.65
N ASP B 104 1.09 -28.21 -5.64
CA ASP B 104 1.48 -29.49 -6.21
C ASP B 104 2.86 -29.38 -6.88
N SER B 105 3.15 -28.19 -7.39
CA SER B 105 4.39 -27.83 -8.12
C SER B 105 5.61 -27.65 -7.18
N GLY B 106 5.48 -28.02 -5.92
CA GLY B 106 6.65 -27.98 -5.06
C GLY B 106 6.75 -26.92 -3.97
N GLU B 107 6.76 -25.63 -4.34
CA GLU B 107 6.94 -24.60 -3.31
C GLU B 107 5.65 -24.04 -2.74
N ASN B 108 5.65 -23.86 -1.42
CA ASN B 108 4.46 -23.45 -0.69
C ASN B 108 4.36 -21.95 -0.51
N SER B 109 3.14 -21.48 -0.31
CA SER B 109 2.88 -20.08 -0.02
C SER B 109 2.42 -19.99 1.44
N ILE B 110 3.06 -19.15 2.24
CA ILE B 110 2.69 -19.01 3.64
C ILE B 110 2.48 -17.55 3.99
N CYS B 111 1.32 -17.27 4.57
CA CYS B 111 1.06 -15.95 5.08
C CYS B 111 0.61 -16.10 6.54
N ILE B 112 1.23 -15.37 7.44
CA ILE B 112 0.94 -15.49 8.86
C ILE B 112 0.50 -14.16 9.41
N SER B 113 -0.50 -14.18 10.31
CA SER B 113 -0.90 -12.95 10.98
C SER B 113 -0.84 -13.17 12.47
N ALA B 114 -0.21 -12.23 13.19
CA ALA B 114 0.04 -12.40 14.62
C ALA B 114 -1.26 -12.47 15.40
N GLU B 115 -2.18 -11.58 15.07
CA GLU B 115 -3.43 -11.46 15.84
C GLU B 115 -3.15 -11.47 17.35
N ALA B 116 -3.83 -12.37 18.06
CA ALA B 116 -3.72 -12.43 19.52
C ALA B 116 -2.29 -12.62 20.06
N ASN B 117 -1.42 -13.27 19.26
CA ASN B 117 -0.03 -13.44 19.68
C ASN B 117 0.70 -12.13 19.99
N ALA B 118 0.30 -11.04 19.33
CA ALA B 118 0.91 -9.74 19.52
C ALA B 118 0.62 -9.16 20.89
N LYS B 119 -0.35 -9.74 21.59
CA LYS B 119 -0.70 -9.26 22.92
C LYS B 119 0.20 -9.84 24.01
N LEU B 120 1.11 -10.74 23.63
CA LEU B 120 1.96 -11.39 24.65
C LEU B 120 3.21 -10.54 24.91
N THR B 121 2.99 -9.46 25.65
CA THR B 121 4.01 -8.45 25.90
C THR B 121 4.67 -8.67 27.23
N ALA B 122 5.69 -7.86 27.53
CA ALA B 122 6.29 -7.85 28.85
C ALA B 122 5.28 -7.60 29.97
N ALA B 123 4.36 -6.66 29.78
CA ALA B 123 3.34 -6.41 30.82
C ALA B 123 2.37 -7.57 30.97
N ALA B 124 2.03 -8.20 29.86
CA ALA B 124 1.00 -9.24 29.85
C ALA B 124 1.41 -10.45 30.69
N ILE B 125 2.71 -10.69 30.82
CA ILE B 125 3.17 -11.89 31.50
C ILE B 125 3.50 -11.68 32.98
N GLU B 126 3.19 -10.48 33.49
CA GLU B 126 3.40 -10.19 34.90
C GLU B 126 2.83 -11.28 35.84
N PRO B 127 1.57 -11.70 35.64
CA PRO B 127 1.08 -12.78 36.53
C PRO B 127 1.71 -14.15 36.29
N ASP B 128 2.53 -14.27 35.24
CA ASP B 128 3.19 -15.54 34.91
C ASP B 128 4.63 -15.61 35.42
N LEU B 129 5.13 -14.52 35.97
CA LEU B 129 6.53 -14.47 36.38
C LEU B 129 6.81 -15.47 37.51
N ALA B 130 5.84 -15.69 38.39
CA ALA B 130 6.00 -16.62 39.51
C ALA B 130 6.24 -18.04 39.00
N ALA B 131 5.46 -18.44 37.98
CA ALA B 131 5.60 -19.75 37.37
C ALA B 131 6.94 -19.91 36.64
N ILE B 132 7.41 -18.86 35.97
CA ILE B 132 8.74 -18.89 35.35
C ILE B 132 9.86 -19.06 36.39
N ARG B 133 9.75 -18.35 37.51
CA ARG B 133 10.72 -18.51 38.59
C ARG B 133 10.71 -19.90 39.19
N ASP B 134 9.54 -20.53 39.22
CA ASP B 134 9.38 -21.80 39.90
C ASP B 134 9.68 -23.00 39.01
N ALA B 135 9.79 -22.75 37.70
CA ALA B 135 10.07 -23.83 36.76
C ALA B 135 11.55 -24.26 36.82
N ARG B 136 11.80 -25.49 36.37
CA ARG B 136 13.16 -25.95 36.10
C ARG B 136 13.65 -25.49 34.72
N TYR B 137 12.79 -25.56 33.70
CA TYR B 137 13.11 -25.10 32.35
C TYR B 137 12.08 -24.15 31.81
N LEU B 138 12.57 -23.14 31.10
CA LEU B 138 11.69 -22.29 30.29
C LEU B 138 12.05 -22.47 28.81
N LEU B 139 11.06 -22.85 28.02
CA LEU B 139 11.23 -23.06 26.59
C LEU B 139 10.42 -22.01 25.83
N MET B 140 11.09 -21.31 24.93
CA MET B 140 10.47 -20.23 24.18
C MET B 140 10.91 -20.30 22.75
N GLN B 141 10.15 -19.63 21.89
CA GLN B 141 10.54 -19.45 20.50
C GLN B 141 10.41 -17.96 20.18
N LEU B 142 10.34 -17.61 18.90
CA LEU B 142 10.33 -16.20 18.50
C LEU B 142 9.09 -15.76 17.73
N GLU B 143 7.99 -16.48 17.92
CA GLU B 143 6.74 -16.17 17.23
C GLU B 143 5.77 -15.32 18.06
N THR B 144 6.30 -14.69 19.12
CA THR B 144 5.56 -13.70 19.92
C THR B 144 6.49 -12.47 20.14
N PRO B 145 5.95 -11.34 20.66
CA PRO B 145 6.79 -10.14 20.73
C PRO B 145 8.07 -10.28 21.56
N LEU B 146 9.14 -9.68 21.04
CA LEU B 146 10.44 -9.78 21.69
C LEU B 146 10.46 -9.27 23.12
N ASP B 147 9.66 -8.23 23.42
CA ASP B 147 9.66 -7.69 24.78
C ASP B 147 9.20 -8.71 25.82
N GLY B 148 8.19 -9.51 25.49
CA GLY B 148 7.73 -10.55 26.41
C GLY B 148 8.75 -11.66 26.56
N ILE B 149 9.40 -12.02 25.46
CA ILE B 149 10.43 -13.05 25.46
C ILE B 149 11.59 -12.61 26.37
N LEU B 150 12.03 -11.37 26.20
CA LEU B 150 13.13 -10.80 26.98
C LEU B 150 12.80 -10.71 28.47
N LYS B 151 11.59 -10.24 28.80
CA LYS B 151 11.15 -10.15 30.20
C LYS B 151 11.18 -11.54 30.85
N ALA B 152 10.72 -12.54 30.10
CA ALA B 152 10.66 -13.89 30.64
C ALA B 152 12.04 -14.46 30.84
N ALA B 153 12.94 -14.19 29.90
CA ALA B 153 14.31 -14.72 30.00
C ALA B 153 15.07 -14.11 31.17
N GLN B 154 14.81 -12.83 31.43
CA GLN B 154 15.46 -12.13 32.53
C GLN B 154 14.96 -12.66 33.87
N GLU B 155 13.65 -12.89 33.94
CA GLU B 155 13.02 -13.38 35.16
C GLU B 155 13.58 -14.77 35.50
N ALA B 156 13.69 -15.60 34.47
CA ALA B 156 14.18 -16.96 34.62
C ALA B 156 15.63 -16.96 35.07
N LYS B 157 16.44 -16.10 34.45
CA LYS B 157 17.86 -16.00 34.80
C LYS B 157 18.09 -15.73 36.29
N THR B 158 17.33 -14.80 36.86
CA THR B 158 17.51 -14.45 38.26
C THR B 158 16.92 -15.51 39.18
N ALA B 159 16.20 -16.46 38.60
CA ALA B 159 15.54 -17.51 39.36
C ALA B 159 16.26 -18.87 39.23
N LYS B 160 17.32 -18.87 38.43
CA LYS B 160 18.07 -20.09 38.10
C LYS B 160 17.21 -21.09 37.33
N THR B 161 16.24 -20.58 36.57
CA THR B 161 15.48 -21.44 35.68
C THR B 161 16.28 -21.52 34.40
N ASN B 162 16.51 -22.75 33.91
CA ASN B 162 17.18 -22.94 32.63
C ASN B 162 16.34 -22.39 31.47
N VAL B 163 16.98 -21.62 30.60
CA VAL B 163 16.27 -21.05 29.46
C VAL B 163 16.69 -21.76 28.19
N ILE B 164 15.73 -22.42 27.55
CA ILE B 164 15.94 -22.95 26.22
C ILE B 164 15.24 -22.06 25.18
N LEU B 165 16.00 -21.55 24.23
CA LEU B 165 15.46 -20.74 23.16
C LEU B 165 15.55 -21.44 21.81
N ASN B 166 14.40 -21.72 21.21
CA ASN B 166 14.34 -22.15 19.82
C ASN B 166 14.15 -20.88 18.99
N PRO B 167 15.22 -20.42 18.32
CA PRO B 167 15.19 -19.08 17.72
C PRO B 167 14.46 -19.06 16.38
N ALA B 168 13.18 -19.42 16.41
CA ALA B 168 12.37 -19.59 15.21
C ALA B 168 11.04 -18.86 15.34
N PRO B 169 10.55 -18.25 14.25
CA PRO B 169 11.22 -18.13 12.97
C PRO B 169 12.41 -17.18 13.08
N ALA B 170 13.35 -17.28 12.15
CA ALA B 170 14.60 -16.55 12.22
C ALA B 170 14.46 -15.04 12.35
N ARG B 171 15.22 -14.47 13.28
CA ARG B 171 15.42 -13.03 13.30
C ARG B 171 16.66 -12.75 14.11
N GLU B 172 17.21 -11.54 13.95
CA GLU B 172 18.35 -11.14 14.75
C GLU B 172 17.93 -10.90 16.19
N LEU B 173 18.81 -11.20 17.13
CA LEU B 173 18.51 -11.03 18.53
C LEU B 173 19.56 -10.20 19.24
N PRO B 174 19.15 -9.43 20.27
CA PRO B 174 20.07 -8.57 21.01
C PRO B 174 20.92 -9.37 21.98
N ASP B 175 22.12 -8.88 22.26
CA ASP B 175 23.01 -9.50 23.24
C ASP B 175 22.33 -9.69 24.58
N GLU B 176 21.42 -8.77 24.88
CA GLU B 176 20.68 -8.76 26.13
C GLU B 176 19.86 -10.04 26.28
N LEU B 177 19.22 -10.48 25.21
CA LEU B 177 18.46 -11.72 25.26
C LEU B 177 19.39 -12.93 25.27
N LEU B 178 20.36 -12.95 24.37
CA LEU B 178 21.23 -14.12 24.21
C LEU B 178 22.03 -14.45 25.48
N LYS B 179 22.46 -13.40 26.19
CA LYS B 179 23.16 -13.54 27.47
C LYS B 179 22.34 -14.38 28.45
N CYS B 180 21.02 -14.37 28.26
CA CYS B 180 20.11 -15.04 29.18
C CYS B 180 19.71 -16.46 28.74
N VAL B 181 20.33 -16.93 27.67
CA VAL B 181 19.97 -18.24 27.12
C VAL B 181 21.00 -19.32 27.49
N ASP B 182 20.52 -20.45 28.00
CA ASP B 182 21.41 -21.53 28.41
C ASP B 182 21.64 -22.55 27.30
N LEU B 183 20.60 -22.76 26.50
CA LEU B 183 20.68 -23.70 25.39
C LEU B 183 19.88 -23.12 24.23
N ILE B 184 20.50 -23.05 23.06
CA ILE B 184 19.81 -22.50 21.89
C ILE B 184 19.76 -23.54 20.77
N THR B 185 18.62 -23.63 20.07
CA THR B 185 18.42 -24.67 19.08
C THR B 185 18.07 -24.14 17.69
N PRO B 186 18.96 -23.35 17.08
CA PRO B 186 18.68 -22.85 15.73
C PRO B 186 18.76 -23.96 14.67
N ASN B 187 18.01 -23.84 13.58
CA ASN B 187 18.32 -24.64 12.40
C ASN B 187 19.43 -23.92 11.65
N GLU B 188 19.82 -24.42 10.48
CA GLU B 188 20.96 -23.83 9.75
C GLU B 188 20.72 -22.37 9.35
N THR B 189 19.51 -22.09 8.87
CA THR B 189 19.12 -20.74 8.46
C THR B 189 19.15 -19.77 9.64
N GLU B 190 18.55 -20.19 10.75
CA GLU B 190 18.57 -19.41 11.96
C GLU B 190 19.98 -19.19 12.48
N ALA B 191 20.84 -20.21 12.41
CA ALA B 191 22.21 -20.05 12.91
C ALA B 191 22.90 -18.94 12.11
N GLU B 192 22.61 -18.88 10.82
CA GLU B 192 23.21 -17.87 9.95
C GLU B 192 22.70 -16.46 10.30
N VAL B 193 21.38 -16.33 10.44
CA VAL B 193 20.78 -15.03 10.79
C VAL B 193 21.36 -14.49 12.09
N LEU B 194 21.57 -15.39 13.05
CA LEU B 194 22.01 -14.98 14.38
C LEU B 194 23.49 -14.59 14.42
N THR B 195 24.29 -15.21 13.57
CA THR B 195 25.74 -15.12 13.71
C THR B 195 26.41 -14.46 12.51
N GLY B 196 25.74 -14.45 11.37
CA GLY B 196 26.35 -14.01 10.14
C GLY B 196 27.23 -15.09 9.54
N ILE B 197 27.28 -16.24 10.20
CA ILE B 197 28.08 -17.37 9.70
C ILE B 197 27.20 -18.38 9.00
N THR B 198 27.45 -18.57 7.70
CA THR B 198 26.73 -19.58 6.93
C THR B 198 27.30 -20.95 7.25
N VAL B 199 26.43 -21.93 7.48
CA VAL B 199 26.87 -23.27 7.87
C VAL B 199 27.01 -24.19 6.66
N TYR B 200 28.25 -24.37 6.20
CA TYR B 200 28.53 -25.24 5.07
C TYR B 200 28.84 -26.66 5.52
N ASP B 201 29.59 -26.78 6.60
CA ASP B 201 30.07 -28.07 7.05
C ASP B 201 30.33 -28.05 8.55
N ASP B 202 31.03 -29.06 9.05
CA ASP B 202 31.35 -29.18 10.46
C ASP B 202 32.15 -27.99 11.01
N SER B 203 33.17 -27.56 10.27
CA SER B 203 34.03 -26.49 10.75
C SER B 203 33.27 -25.19 10.90
N SER B 204 32.40 -24.90 9.96
CA SER B 204 31.62 -23.67 9.99
C SER B 204 30.44 -23.76 10.97
N ALA B 205 29.94 -24.96 11.17
CA ALA B 205 28.96 -25.19 12.22
C ALA B 205 29.57 -24.85 13.59
N GLN B 206 30.82 -25.25 13.80
CA GLN B 206 31.48 -24.93 15.06
C GLN B 206 31.73 -23.42 15.15
N GLN B 207 32.13 -22.82 14.03
CA GLN B 207 32.26 -21.37 13.95
C GLN B 207 30.98 -20.68 14.43
N ALA B 208 29.85 -21.07 13.83
CA ALA B 208 28.53 -20.56 14.24
C ALA B 208 28.28 -20.80 15.72
N ALA B 209 28.49 -22.04 16.17
CA ALA B 209 28.33 -22.37 17.58
C ALA B 209 29.21 -21.49 18.48
N ASP B 210 30.47 -21.29 18.12
CA ASP B 210 31.31 -20.53 19.04
C ASP B 210 30.97 -19.04 19.04
N ALA B 211 30.34 -18.57 17.97
CA ALA B 211 29.80 -17.22 17.95
C ALA B 211 28.67 -17.07 18.98
N LEU B 212 27.88 -18.13 19.16
CA LEU B 212 26.81 -18.11 20.15
C LEU B 212 27.36 -18.28 21.56
N HIS B 213 28.40 -19.10 21.70
CA HIS B 213 29.07 -19.26 22.99
C HIS B 213 29.59 -17.90 23.46
N CYS B 214 30.07 -17.11 22.51
CA CYS B 214 30.63 -15.79 22.79
C CYS B 214 29.56 -14.76 23.14
N LYS B 215 28.31 -15.11 22.86
CA LYS B 215 27.19 -14.29 23.30
C LYS B 215 26.70 -14.75 24.67
N GLY B 216 27.30 -15.82 25.19
CA GLY B 216 27.02 -16.26 26.55
C GLY B 216 26.14 -17.51 26.68
N ILE B 217 26.01 -18.25 25.58
CA ILE B 217 25.18 -19.44 25.57
C ILE B 217 26.03 -20.70 25.74
N GLU B 218 25.80 -21.41 26.84
CA GLU B 218 26.60 -22.58 27.19
C GLU B 218 26.46 -23.71 26.17
N ILE B 219 25.22 -24.04 25.81
CA ILE B 219 24.99 -25.16 24.89
C ILE B 219 24.34 -24.70 23.60
N VAL B 220 24.94 -25.12 22.49
CA VAL B 220 24.40 -24.83 21.18
C VAL B 220 24.06 -26.12 20.45
N ILE B 221 22.82 -26.23 19.98
CA ILE B 221 22.41 -27.34 19.11
C ILE B 221 21.95 -26.78 17.77
N ILE B 222 22.72 -27.00 16.72
CA ILE B 222 22.28 -26.57 15.41
C ILE B 222 21.64 -27.73 14.70
N THR B 223 20.34 -27.64 14.43
CA THR B 223 19.68 -28.73 13.73
C THR B 223 19.98 -28.68 12.23
N LEU B 224 20.17 -29.85 11.62
CA LEU B 224 20.72 -29.91 10.27
C LEU B 224 19.82 -30.66 9.29
N GLY B 225 18.51 -30.55 9.49
CA GLY B 225 17.58 -31.26 8.64
C GLY B 225 17.75 -32.76 8.76
N SER B 226 18.03 -33.40 7.63
CA SER B 226 18.23 -34.86 7.58
C SER B 226 19.62 -35.25 8.09
N LYS B 227 20.46 -34.26 8.34
CA LYS B 227 21.86 -34.50 8.73
C LYS B 227 22.03 -34.59 10.24
N GLY B 228 20.92 -34.56 10.96
CA GLY B 228 20.96 -34.66 12.41
C GLY B 228 21.13 -33.30 13.07
N VAL B 229 22.08 -33.23 13.98
CA VAL B 229 22.26 -32.10 14.85
C VAL B 229 23.76 -31.82 15.02
N TRP B 230 24.15 -30.55 15.05
CA TRP B 230 25.50 -30.25 15.53
C TRP B 230 25.45 -29.81 16.99
N LEU B 231 25.98 -30.63 17.89
CA LEU B 231 25.99 -30.27 19.31
C LEU B 231 27.33 -29.67 19.70
N SER B 232 27.30 -28.48 20.32
CA SER B 232 28.53 -27.90 20.88
C SER B 232 28.33 -27.54 22.35
N GLN B 233 29.09 -28.18 23.23
CA GLN B 233 28.97 -27.92 24.66
C GLN B 233 30.20 -27.18 25.15
N ASN B 234 30.04 -25.89 25.43
CA ASN B 234 31.15 -25.07 25.91
C ASN B 234 32.36 -25.14 24.99
N GLY B 235 32.12 -25.29 23.68
CA GLY B 235 33.19 -25.35 22.71
C GLY B 235 33.55 -26.74 22.19
N ARG B 236 32.92 -27.77 22.74
CA ARG B 236 33.17 -29.13 22.25
C ARG B 236 32.07 -29.55 21.29
N GLY B 237 32.38 -29.60 20.01
CA GLY B 237 31.39 -29.90 18.99
C GLY B 237 31.40 -31.33 18.49
N GLN B 238 30.23 -31.82 18.10
CA GLN B 238 30.11 -33.13 17.47
C GLN B 238 28.82 -33.21 16.69
N ARG B 239 28.77 -34.06 15.68
CA ARG B 239 27.53 -34.29 14.95
C ARG B 239 26.82 -35.55 15.49
N ILE B 240 25.55 -35.38 15.81
CA ILE B 240 24.72 -36.52 16.20
C ILE B 240 23.66 -36.70 15.10
N PRO B 241 23.76 -37.78 14.33
CA PRO B 241 22.86 -38.09 13.22
C PRO B 241 21.44 -38.36 13.70
N GLY B 242 20.45 -38.08 12.87
CA GLY B 242 19.08 -38.46 13.17
C GLY B 242 18.70 -39.83 12.64
N PHE B 243 17.41 -40.06 12.47
CA PHE B 243 16.94 -41.32 11.92
C PHE B 243 16.61 -41.17 10.46
N VAL B 244 16.66 -42.28 9.73
CA VAL B 244 16.36 -42.29 8.30
C VAL B 244 14.91 -42.69 8.08
N VAL B 245 14.09 -41.77 7.57
CA VAL B 245 12.68 -42.02 7.37
C VAL B 245 12.24 -41.41 6.05
N LYS B 246 11.00 -41.67 5.65
CA LYS B 246 10.45 -41.09 4.43
C LYS B 246 9.75 -39.81 4.83
N ALA B 247 10.44 -38.68 4.66
CA ALA B 247 9.95 -37.42 5.15
C ALA B 247 8.94 -36.83 4.17
N THR B 248 7.71 -36.61 4.64
CA THR B 248 6.66 -36.06 3.79
C THR B 248 6.25 -34.64 4.18
N ASP B 249 6.48 -34.29 5.45
CA ASP B 249 6.09 -32.97 5.95
C ASP B 249 6.93 -32.62 7.17
N THR B 250 7.80 -31.62 7.05
CA THR B 250 8.64 -31.24 8.18
C THR B 250 8.08 -30.09 9.00
N THR B 251 6.79 -29.80 8.80
CA THR B 251 6.19 -28.61 9.40
C THR B 251 6.44 -28.53 10.90
N ALA B 252 6.24 -29.62 11.64
CA ALA B 252 6.42 -29.55 13.08
C ALA B 252 7.68 -30.26 13.57
N ALA B 253 8.65 -30.48 12.70
CA ALA B 253 9.84 -31.26 13.07
C ALA B 253 10.66 -30.57 14.16
N GLY B 254 10.98 -29.29 13.97
CA GLY B 254 11.73 -28.57 14.98
C GLY B 254 10.93 -28.41 16.28
N ASP B 255 9.61 -28.21 16.17
CA ASP B 255 8.80 -28.09 17.38
C ASP B 255 8.79 -29.40 18.16
N THR B 256 8.62 -30.51 17.46
CA THR B 256 8.63 -31.81 18.09
C THR B 256 9.98 -32.07 18.74
N PHE B 257 11.04 -31.71 18.01
CA PHE B 257 12.38 -31.93 18.55
C PHE B 257 12.58 -31.18 19.85
N ASN B 258 12.18 -29.91 19.89
CA ASN B 258 12.39 -29.12 21.10
C ASN B 258 11.56 -29.60 22.29
N GLY B 259 10.29 -29.91 22.04
CA GLY B 259 9.43 -30.43 23.10
C GLY B 259 9.94 -31.73 23.68
N ALA B 260 10.35 -32.65 22.81
CA ALA B 260 10.90 -33.93 23.26
C ALA B 260 12.27 -33.79 23.92
N LEU B 261 13.10 -32.88 23.42
CA LEU B 261 14.42 -32.66 24.00
C LEU B 261 14.33 -32.23 25.47
N VAL B 262 13.57 -31.18 25.75
CA VAL B 262 13.47 -30.67 27.10
C VAL B 262 12.82 -31.70 28.02
N THR B 263 11.87 -32.48 27.50
CA THR B 263 11.20 -33.47 28.35
C THR B 263 12.21 -34.54 28.75
N GLY B 264 13.04 -34.98 27.79
CA GLY B 264 14.12 -35.91 28.04
C GLY B 264 15.06 -35.39 29.12
N LEU B 265 15.40 -34.11 29.03
CA LEU B 265 16.30 -33.48 30.00
C LEU B 265 15.66 -33.45 31.38
N LEU B 266 14.36 -33.18 31.42
CA LEU B 266 13.63 -33.17 32.67
C LEU B 266 13.57 -34.56 33.32
N GLN B 267 13.68 -35.59 32.49
CA GLN B 267 13.70 -37.00 32.94
C GLN B 267 15.11 -37.47 33.32
N GLU B 268 16.05 -36.53 33.34
CA GLU B 268 17.46 -36.77 33.69
C GLU B 268 18.20 -37.63 32.68
N MET B 269 17.73 -37.67 31.44
CA MET B 269 18.53 -38.24 30.36
C MET B 269 19.77 -37.37 30.12
N PRO B 270 20.93 -38.03 29.93
CA PRO B 270 22.13 -37.28 29.58
C PRO B 270 21.83 -36.52 28.29
N LEU B 271 22.43 -35.37 28.12
CA LEU B 271 22.12 -34.50 26.98
C LEU B 271 22.17 -35.21 25.62
N GLU B 272 23.27 -35.92 25.34
CA GLU B 272 23.37 -36.63 24.06
C GLU B 272 22.22 -37.62 23.87
N SER B 273 21.82 -38.27 24.95
CA SER B 273 20.73 -39.25 24.89
C SER B 273 19.39 -38.57 24.66
N ALA B 274 19.18 -37.44 25.32
CA ALA B 274 17.95 -36.67 25.13
C ALA B 274 17.83 -36.20 23.68
N ILE B 275 18.97 -35.83 23.09
CA ILE B 275 19.00 -35.38 21.70
C ILE B 275 18.62 -36.54 20.78
N LYS B 276 19.12 -37.74 21.08
CA LYS B 276 18.77 -38.88 20.25
C LYS B 276 17.31 -39.29 20.41
N PHE B 277 16.81 -39.16 21.63
CA PHE B 277 15.42 -39.44 21.93
C PHE B 277 14.55 -38.46 21.16
N ALA B 278 14.98 -37.20 21.14
CA ALA B 278 14.22 -36.17 20.43
C ALA B 278 14.29 -36.36 18.90
N HIS B 279 15.42 -36.86 18.40
CA HIS B 279 15.52 -37.23 16.99
C HIS B 279 14.42 -38.22 16.58
N ALA B 280 14.15 -39.20 17.45
CA ALA B 280 13.13 -40.21 17.20
C ALA B 280 11.74 -39.58 17.12
N ALA B 281 11.45 -38.70 18.08
CA ALA B 281 10.16 -38.01 18.10
C ALA B 281 10.01 -37.18 16.83
N ALA B 282 11.02 -36.38 16.51
CA ALA B 282 10.98 -35.53 15.33
C ALA B 282 10.84 -36.36 14.06
N ALA B 283 11.55 -37.49 14.03
CA ALA B 283 11.52 -38.38 12.88
C ALA B 283 10.10 -38.90 12.60
N ILE B 284 9.39 -39.28 13.65
CA ILE B 284 8.03 -39.73 13.52
C ILE B 284 7.23 -38.58 12.91
N SER B 285 7.44 -37.37 13.42
CA SER B 285 6.66 -36.22 12.95
C SER B 285 6.88 -35.92 11.45
N VAL B 286 8.10 -36.05 10.95
CA VAL B 286 8.32 -35.70 9.54
C VAL B 286 7.65 -36.69 8.57
N THR B 287 7.19 -37.82 9.10
CA THR B 287 6.46 -38.78 8.29
C THR B 287 4.95 -38.55 8.37
N ARG B 288 4.54 -37.47 9.05
CA ARG B 288 3.11 -37.18 9.24
C ARG B 288 2.79 -35.76 8.80
N PHE B 289 1.53 -35.52 8.45
CA PHE B 289 1.15 -34.23 7.89
C PHE B 289 0.63 -33.27 8.96
N GLY B 290 1.02 -32.00 8.86
CA GLY B 290 0.45 -30.93 9.66
C GLY B 290 1.21 -30.66 10.94
N ALA B 291 0.77 -29.62 11.66
CA ALA B 291 1.40 -29.21 12.91
C ALA B 291 1.16 -30.23 14.00
N GLN B 292 0.21 -29.97 14.89
CA GLN B 292 0.02 -30.85 16.04
C GLN B 292 -0.49 -32.23 15.66
N THR B 293 -0.99 -32.35 14.44
CA THR B 293 -1.47 -33.64 13.95
C THR B 293 -0.32 -34.62 13.71
N SER B 294 0.89 -34.08 13.56
CA SER B 294 2.06 -34.93 13.31
C SER B 294 2.80 -35.32 14.60
N ILE B 295 2.43 -34.70 15.71
CA ILE B 295 3.24 -34.82 16.92
C ILE B 295 2.95 -36.12 17.64
N PRO B 296 3.99 -36.94 17.83
CA PRO B 296 3.82 -38.27 18.42
C PRO B 296 3.68 -38.26 19.94
N THR B 297 3.13 -39.34 20.49
CA THR B 297 3.07 -39.53 21.93
C THR B 297 4.31 -40.27 22.40
N ARG B 298 4.51 -40.28 23.70
CA ARG B 298 5.63 -41.00 24.28
C ARG B 298 5.59 -42.49 23.94
N ALA B 299 4.39 -43.08 23.93
CA ALA B 299 4.23 -44.49 23.57
C ALA B 299 4.65 -44.73 22.12
N GLU B 300 4.26 -43.83 21.22
CA GLU B 300 4.68 -43.97 19.83
C GLU B 300 6.19 -43.85 19.67
N VAL B 301 6.79 -42.97 20.45
CA VAL B 301 8.23 -42.77 20.34
C VAL B 301 8.92 -44.02 20.85
N GLU B 302 8.38 -44.59 21.91
CA GLU B 302 8.99 -45.81 22.45
C GLU B 302 8.91 -46.99 21.49
N ALA B 303 7.76 -47.15 20.84
CA ALA B 303 7.60 -48.20 19.83
C ALA B 303 8.56 -48.03 18.66
N PHE B 304 8.75 -46.79 18.22
CA PHE B 304 9.69 -46.47 17.15
C PHE B 304 11.12 -46.84 17.56
N LEU B 305 11.50 -46.48 18.78
CA LEU B 305 12.85 -46.77 19.27
C LEU B 305 13.06 -48.28 19.44
N ALA B 306 12.03 -48.99 19.90
CA ALA B 306 12.13 -50.44 20.05
C ALA B 306 12.35 -51.09 18.69
N GLU B 307 11.59 -50.62 17.71
CA GLU B 307 11.63 -51.16 16.36
C GLU B 307 12.94 -50.84 15.66
N HIS B 308 13.55 -49.71 16.02
CA HIS B 308 14.81 -49.31 15.40
C HIS B 308 16.06 -49.79 16.15
N SER B 309 15.88 -50.52 17.24
CA SER B 309 17.01 -51.01 18.05
C SER B 309 17.56 -52.37 17.59
N MET C 4 17.27 29.72 31.95
CA MET C 4 18.15 29.32 30.85
C MET C 4 17.78 27.89 30.48
N ASN C 5 17.70 27.60 29.19
CA ASN C 5 17.26 26.27 28.77
C ASN C 5 18.37 25.25 28.93
N LYS C 6 18.02 24.10 29.50
CA LYS C 6 19.01 23.05 29.68
C LYS C 6 19.36 22.40 28.35
N LEU C 7 18.39 22.39 27.43
CA LEU C 7 18.63 21.92 26.07
C LEU C 7 18.40 23.05 25.07
N VAL C 8 19.34 23.20 24.16
CA VAL C 8 19.15 24.10 23.04
C VAL C 8 19.19 23.29 21.75
N VAL C 9 18.15 23.40 20.94
CA VAL C 9 18.16 22.83 19.61
C VAL C 9 18.37 23.94 18.59
N LEU C 10 19.36 23.76 17.72
CA LEU C 10 19.62 24.70 16.61
C LEU C 10 19.44 23.93 15.30
N GLY C 11 18.55 24.42 14.45
CA GLY C 11 18.35 23.79 13.16
C GLY C 11 17.23 24.38 12.35
N SER C 12 16.64 23.53 11.51
CA SER C 12 15.77 23.98 10.43
C SER C 12 14.29 24.02 10.77
N VAL C 13 13.56 24.85 10.05
CA VAL C 13 12.11 24.79 10.04
C VAL C 13 11.66 24.70 8.57
N ASN C 14 10.85 23.69 8.27
CA ASN C 14 10.22 23.54 6.95
C ASN C 14 8.69 23.41 7.00
N ALA C 15 8.05 23.90 5.94
CA ALA C 15 6.69 23.50 5.64
C ALA C 15 6.81 22.25 4.78
N ASP C 16 6.25 21.14 5.25
CA ASP C 16 6.32 19.90 4.50
C ASP C 16 5.12 19.81 3.59
N HIS C 17 5.38 19.79 2.28
CA HIS C 17 4.33 19.58 1.30
C HIS C 17 4.29 18.10 0.92
N VAL C 18 3.24 17.45 1.39
CA VAL C 18 3.23 16.00 1.43
C VAL C 18 2.12 15.37 0.62
N LEU C 19 2.48 14.41 -0.21
CA LEU C 19 1.50 13.63 -0.95
C LEU C 19 1.65 12.18 -0.61
N GLN C 20 0.54 11.45 -0.62
CA GLN C 20 0.58 9.99 -0.55
C GLN C 20 0.57 9.40 -1.95
N VAL C 21 1.44 8.43 -2.20
CA VAL C 21 1.64 7.94 -3.56
C VAL C 21 1.55 6.42 -3.56
N PRO C 22 1.09 5.83 -4.66
CA PRO C 22 0.97 4.36 -4.68
C PRO C 22 2.32 3.69 -4.96
N SER C 23 3.31 4.49 -5.36
CA SER C 23 4.64 4.01 -5.68
C SER C 23 5.53 5.23 -5.86
N PHE C 24 6.81 5.04 -6.20
CA PHE C 24 7.68 6.19 -6.40
C PHE C 24 7.97 6.49 -7.87
N PRO C 25 7.99 7.78 -8.21
CA PRO C 25 7.93 8.23 -9.62
C PRO C 25 9.08 7.70 -10.48
N ARG C 26 8.76 7.38 -11.73
CA ARG C 26 9.77 7.03 -12.71
C ARG C 26 9.99 8.25 -13.58
N PRO C 27 11.23 8.45 -14.05
CA PRO C 27 11.53 9.60 -14.90
C PRO C 27 10.66 9.57 -16.16
N GLY C 28 10.01 10.68 -16.49
CA GLY C 28 9.14 10.74 -17.66
C GLY C 28 7.84 9.97 -17.54
N GLU C 29 7.42 9.68 -16.31
CA GLU C 29 6.10 9.09 -16.05
C GLU C 29 5.42 9.93 -14.98
N THR C 30 4.21 10.40 -15.27
CA THR C 30 3.45 11.12 -14.26
C THR C 30 2.92 10.17 -13.20
N LEU C 31 3.26 10.44 -11.95
CA LEU C 31 2.70 9.68 -10.85
C LEU C 31 1.52 10.45 -10.26
N HIS C 32 0.41 9.76 -10.04
CA HIS C 32 -0.74 10.37 -9.41
C HIS C 32 -0.75 10.07 -7.91
N GLY C 33 -0.73 11.13 -7.12
CA GLY C 33 -0.75 11.01 -5.67
C GLY C 33 -2.07 11.49 -5.12
N ARG C 34 -2.19 11.56 -3.80
CA ARG C 34 -3.46 11.96 -3.20
C ARG C 34 -3.22 12.60 -1.83
N ASN C 35 -4.27 13.22 -1.28
CA ASN C 35 -4.24 13.72 0.10
C ASN C 35 -3.11 14.71 0.40
N TYR C 36 -2.97 15.72 -0.44
CA TYR C 36 -2.00 16.78 -0.19
C TYR C 36 -2.23 17.46 1.14
N GLN C 37 -1.18 17.50 1.94
CA GLN C 37 -1.21 18.15 3.24
C GLN C 37 0.04 18.97 3.40
N VAL C 38 -0.10 20.12 4.03
CA VAL C 38 1.05 20.93 4.43
C VAL C 38 1.23 20.77 5.93
N ILE C 39 2.33 20.15 6.33
CA ILE C 39 2.53 19.73 7.72
C ILE C 39 3.82 20.37 8.23
N PRO C 40 3.82 20.85 9.49
CA PRO C 40 5.03 21.43 10.05
C PRO C 40 6.16 20.41 10.13
N GLY C 41 7.34 20.78 9.68
CA GLY C 41 8.45 19.85 9.63
C GLY C 41 9.78 20.55 9.76
N GLY C 42 10.81 19.99 9.13
CA GLY C 42 12.16 20.49 9.29
C GLY C 42 12.82 19.69 10.40
N LYS C 43 14.02 19.20 10.16
CA LYS C 43 14.65 18.30 11.17
C LYS C 43 14.85 19.02 12.50
N GLY C 44 15.20 20.30 12.43
CA GLY C 44 15.42 21.07 13.65
C GLY C 44 14.16 21.18 14.46
N ALA C 45 13.11 21.69 13.83
CA ALA C 45 11.82 21.85 14.49
C ALA C 45 11.25 20.52 14.96
N ASN C 46 11.42 19.47 14.15
CA ASN C 46 10.98 18.12 14.48
C ASN C 46 11.62 17.64 15.79
N GLN C 47 12.93 17.81 15.90
CA GLN C 47 13.69 17.37 17.07
C GLN C 47 13.43 18.27 18.28
N ALA C 48 13.24 19.56 18.02
CA ALA C 48 12.79 20.49 19.05
C ALA C 48 11.41 20.12 19.59
N VAL C 49 10.46 19.83 18.70
CA VAL C 49 9.13 19.44 19.14
C VAL C 49 9.18 18.09 19.85
N ALA C 50 10.01 17.19 19.30
CA ALA C 50 10.21 15.86 19.92
C ALA C 50 10.68 15.99 21.37
N ALA C 51 11.76 16.74 21.56
CA ALA C 51 12.30 16.99 22.89
C ALA C 51 11.28 17.67 23.80
N ALA C 52 10.57 18.66 23.27
CA ALA C 52 9.56 19.35 24.07
C ALA C 52 8.43 18.44 24.52
N ARG C 53 7.94 17.59 23.63
CA ARG C 53 6.83 16.71 23.96
C ARG C 53 7.25 15.62 24.94
N MET C 54 8.55 15.32 24.96
CA MET C 54 9.12 14.37 25.94
C MET C 54 9.45 15.07 27.25
N GLN C 55 9.14 16.38 27.31
CA GLN C 55 9.24 17.20 28.51
C GLN C 55 10.64 17.73 28.85
N ALA C 56 11.49 17.84 27.85
CA ALA C 56 12.76 18.53 27.99
C ALA C 56 12.57 20.02 28.27
N ASP C 57 13.58 20.64 28.87
CA ASP C 57 13.61 22.09 29.02
C ASP C 57 14.40 22.65 27.84
N VAL C 58 13.69 23.08 26.80
CA VAL C 58 14.31 23.30 25.50
C VAL C 58 14.07 24.69 24.87
N GLY C 59 15.13 25.28 24.35
CA GLY C 59 15.02 26.47 23.52
C GLY C 59 15.42 26.13 22.09
N PHE C 60 14.78 26.80 21.13
CA PHE C 60 15.00 26.50 19.71
C PHE C 60 15.65 27.73 19.06
N ILE C 61 16.72 27.49 18.29
CA ILE C 61 17.36 28.54 17.51
C ILE C 61 17.16 28.20 16.04
N ALA C 62 16.51 29.09 15.29
CA ALA C 62 16.19 28.81 13.89
C ALA C 62 15.79 30.10 13.17
N CYS C 63 15.61 29.99 11.86
CA CYS C 63 15.13 31.10 11.02
C CYS C 63 13.91 30.66 10.26
N VAL C 64 12.82 31.39 10.39
CA VAL C 64 11.64 31.11 9.58
C VAL C 64 11.43 32.27 8.59
N GLY C 65 10.47 32.12 7.69
CA GLY C 65 10.21 33.14 6.69
C GLY C 65 9.08 34.05 7.13
N ASP C 66 8.80 35.07 6.32
CA ASP C 66 7.70 35.96 6.67
C ASP C 66 6.43 35.64 5.90
N ASP C 67 6.30 34.39 5.44
CA ASP C 67 5.03 33.92 4.91
C ASP C 67 4.08 33.55 6.05
N SER C 68 2.86 33.17 5.71
CA SER C 68 1.85 32.89 6.73
C SER C 68 2.28 31.71 7.59
N PHE C 69 2.98 30.76 6.98
CA PHE C 69 3.50 29.61 7.72
C PHE C 69 4.53 30.08 8.74
N GLY C 70 5.47 30.90 8.28
CA GLY C 70 6.53 31.41 9.12
C GLY C 70 6.00 32.23 10.28
N ILE C 71 5.06 33.12 10.00
CA ILE C 71 4.45 33.98 11.02
C ILE C 71 3.74 33.17 12.10
N ASN C 72 3.12 32.06 11.70
CA ASN C 72 2.29 31.26 12.58
C ASN C 72 3.02 30.16 13.35
N ILE C 73 4.16 29.71 12.82
CA ILE C 73 4.80 28.51 13.34
C ILE C 73 5.45 28.72 14.72
N ARG C 74 6.00 29.92 14.95
CA ARG C 74 6.61 30.25 16.24
C ARG C 74 5.61 30.11 17.37
N GLU C 75 4.40 30.62 17.14
CA GLU C 75 3.34 30.52 18.14
C GLU C 75 3.01 29.05 18.44
N SER C 76 2.98 28.23 17.39
CA SER C 76 2.68 26.82 17.60
C SER C 76 3.77 26.11 18.41
N PHE C 77 5.04 26.47 18.15
CA PHE C 77 6.15 25.92 18.93
C PHE C 77 6.00 26.21 20.42
N LYS C 78 5.59 27.45 20.74
CA LYS C 78 5.38 27.90 22.11
C LYS C 78 4.42 26.98 22.85
N LEU C 79 3.38 26.53 22.14
CA LEU C 79 2.35 25.68 22.72
C LEU C 79 2.89 24.34 23.19
N ASP C 80 3.97 23.88 22.58
CA ASP C 80 4.59 22.63 23.03
C ASP C 80 5.63 22.90 24.10
N GLY C 81 5.76 24.18 24.46
CA GLY C 81 6.62 24.59 25.56
C GLY C 81 8.03 24.92 25.14
N ILE C 82 8.23 25.16 23.84
CA ILE C 82 9.54 25.51 23.36
C ILE C 82 9.76 27.00 23.60
N ASN C 83 10.92 27.36 24.13
CA ASN C 83 11.30 28.76 24.17
C ASN C 83 11.69 29.16 22.75
N THR C 84 10.96 30.10 22.16
CA THR C 84 11.21 30.50 20.77
C THR C 84 11.94 31.83 20.63
N ALA C 85 12.60 32.27 21.70
CA ALA C 85 13.30 33.56 21.70
C ALA C 85 14.29 33.68 20.54
N GLY C 86 14.92 32.55 20.21
CA GLY C 86 15.98 32.52 19.20
C GLY C 86 15.53 32.14 17.81
N VAL C 87 14.22 31.96 17.62
CA VAL C 87 13.70 31.74 16.27
C VAL C 87 13.50 33.09 15.56
N LYS C 88 14.38 33.39 14.61
CA LYS C 88 14.34 34.65 13.89
C LYS C 88 13.34 34.60 12.73
N LEU C 89 12.81 35.75 12.35
CA LEU C 89 11.89 35.82 11.22
C LEU C 89 12.57 36.66 10.14
N GLN C 90 12.69 36.10 8.94
CA GLN C 90 13.41 36.76 7.87
C GLN C 90 12.45 37.46 6.91
N PRO C 91 12.60 38.79 6.77
CA PRO C 91 11.76 39.58 5.87
C PRO C 91 11.95 39.13 4.42
N ASN C 92 10.86 39.10 3.67
CA ASN C 92 10.89 38.80 2.24
C ASN C 92 11.57 37.47 1.90
N CYS C 93 11.35 36.47 2.74
CA CYS C 93 11.91 35.14 2.52
C CYS C 93 10.80 34.14 2.85
N PRO C 94 10.65 33.12 2.01
CA PRO C 94 9.74 32.04 2.39
C PRO C 94 10.35 31.22 3.53
N THR C 95 9.53 30.52 4.29
CA THR C 95 10.08 29.51 5.21
C THR C 95 10.66 28.38 4.35
N GLY C 96 11.62 27.63 4.89
CA GLY C 96 12.10 26.44 4.23
C GLY C 96 10.95 25.53 3.83
N ILE C 97 11.13 24.74 2.79
CA ILE C 97 10.09 23.80 2.39
C ILE C 97 10.68 22.42 2.19
N ALA C 98 9.82 21.42 2.24
CA ALA C 98 10.15 20.07 1.85
C ALA C 98 9.04 19.57 0.95
N MET C 99 9.43 18.87 -0.12
CA MET C 99 8.48 18.15 -0.94
C MET C 99 8.66 16.68 -0.60
N ILE C 100 7.58 16.08 -0.11
CA ILE C 100 7.64 14.71 0.40
C ILE C 100 6.58 13.83 -0.25
N GLN C 101 6.98 12.62 -0.62
CA GLN C 101 6.04 11.61 -1.07
C GLN C 101 6.14 10.42 -0.13
N VAL C 102 5.00 9.97 0.39
CA VAL C 102 4.95 8.84 1.31
C VAL C 102 4.12 7.69 0.72
N SER C 103 4.68 6.49 0.68
CA SER C 103 3.99 5.34 0.09
C SER C 103 3.22 4.55 1.14
N ASP C 104 2.46 3.56 0.70
CA ASP C 104 1.63 2.79 1.64
C ASP C 104 2.47 2.08 2.69
N SER C 105 3.72 1.76 2.34
CA SER C 105 4.61 1.02 3.23
C SER C 105 5.23 1.95 4.26
N GLY C 106 5.03 3.25 4.10
CA GLY C 106 5.61 4.23 5.00
C GLY C 106 6.98 4.72 4.55
N GLU C 107 7.46 4.21 3.41
CA GLU C 107 8.69 4.75 2.83
C GLU C 107 8.41 6.16 2.33
N ASN C 108 9.46 6.98 2.25
CA ASN C 108 9.27 8.35 1.81
C ASN C 108 10.44 8.88 1.00
N SER C 109 10.16 9.88 0.16
CA SER C 109 11.18 10.60 -0.58
C SER C 109 11.06 12.06 -0.15
N ILE C 110 12.20 12.69 0.10
CA ILE C 110 12.21 14.07 0.57
C ILE C 110 13.24 14.91 -0.20
N CYS C 111 12.79 16.05 -0.70
CA CYS C 111 13.64 17.07 -1.30
C CYS C 111 13.36 18.39 -0.63
N ILE C 112 14.42 19.13 -0.29
CA ILE C 112 14.23 20.38 0.41
C ILE C 112 14.75 21.61 -0.34
N SER C 113 14.24 22.75 0.08
CA SER C 113 14.79 24.04 -0.32
C SER C 113 14.99 24.89 0.92
N ALA C 114 16.21 25.42 1.07
CA ALA C 114 16.62 26.08 2.31
C ALA C 114 15.78 27.30 2.65
N GLU C 115 15.61 28.19 1.67
CA GLU C 115 14.91 29.46 1.90
C GLU C 115 15.44 30.12 3.18
N ALA C 116 14.53 30.50 4.08
CA ALA C 116 14.91 31.19 5.31
C ALA C 116 15.98 30.47 6.16
N ASN C 117 16.04 29.15 6.07
CA ASN C 117 17.05 28.40 6.82
C ASN C 117 18.47 28.82 6.47
N ALA C 118 18.67 29.29 5.24
CA ALA C 118 19.99 29.70 4.78
C ALA C 118 20.52 30.94 5.52
N LYS C 119 19.63 31.62 6.23
CA LYS C 119 19.97 32.85 6.96
C LYS C 119 20.47 32.58 8.38
N LEU C 120 20.48 31.32 8.80
CA LEU C 120 20.98 30.98 10.12
C LEU C 120 22.50 30.82 10.06
N THR C 121 23.20 31.93 9.94
CA THR C 121 24.65 31.93 9.82
C THR C 121 25.31 32.12 11.19
N ALA C 122 26.63 32.04 11.21
CA ALA C 122 27.39 32.28 12.43
C ALA C 122 27.07 33.67 12.95
N ALA C 123 26.96 34.62 12.02
CA ALA C 123 26.63 35.99 12.38
C ALA C 123 25.28 36.08 13.07
N ALA C 124 24.28 35.41 12.50
CA ALA C 124 22.91 35.49 13.01
C ALA C 124 22.72 34.94 14.43
N ILE C 125 23.54 33.98 14.82
CA ILE C 125 23.35 33.34 16.12
C ILE C 125 24.16 34.00 17.23
N GLU C 126 24.72 35.16 16.92
CA GLU C 126 25.43 35.96 17.91
C GLU C 126 24.62 36.22 19.20
N PRO C 127 23.33 36.61 19.07
CA PRO C 127 22.59 36.83 20.32
C PRO C 127 22.21 35.53 21.05
N ASP C 128 22.43 34.39 20.40
CA ASP C 128 22.04 33.11 20.96
C ASP C 128 23.19 32.41 21.67
N LEU C 129 24.39 32.96 21.55
CA LEU C 129 25.61 32.35 22.08
C LEU C 129 25.57 32.11 23.59
N ALA C 130 24.90 33.00 24.32
CA ALA C 130 24.74 32.86 25.75
C ALA C 130 23.86 31.66 26.09
N ALA C 131 22.78 31.47 25.32
CA ALA C 131 21.90 30.33 25.56
C ALA C 131 22.65 29.04 25.31
N ILE C 132 23.49 29.02 24.26
CA ILE C 132 24.32 27.88 23.94
C ILE C 132 25.32 27.51 25.05
N ARG C 133 25.99 28.51 25.62
CA ARG C 133 26.92 28.27 26.73
C ARG C 133 26.21 27.82 28.00
N ASP C 134 25.04 28.39 28.27
CA ASP C 134 24.30 28.10 29.50
C ASP C 134 23.57 26.76 29.46
N ALA C 135 23.39 26.20 28.27
CA ALA C 135 22.74 24.90 28.17
C ALA C 135 23.70 23.83 28.67
N ARG C 136 23.19 22.62 28.84
CA ARG C 136 24.04 21.49 29.11
C ARG C 136 24.10 20.55 27.91
N TYR C 137 23.06 20.63 27.06
CA TYR C 137 23.06 19.93 25.76
C TYR C 137 22.68 20.83 24.58
N LEU C 138 23.41 20.71 23.48
CA LEU C 138 23.10 21.41 22.22
C LEU C 138 22.83 20.36 21.14
N LEU C 139 21.61 20.34 20.60
CA LEU C 139 21.25 19.37 19.56
C LEU C 139 21.11 20.05 18.19
N MET C 140 21.86 19.56 17.20
CA MET C 140 21.85 20.15 15.87
C MET C 140 21.76 19.11 14.74
N GLN C 141 21.37 19.57 13.55
CA GLN C 141 21.35 18.73 12.37
C GLN C 141 22.11 19.44 11.26
N LEU C 142 21.83 19.08 10.01
CA LEU C 142 22.59 19.64 8.90
C LEU C 142 21.72 20.36 7.88
N GLU C 143 20.57 20.89 8.31
CA GLU C 143 19.72 21.63 7.38
C GLU C 143 19.86 23.15 7.48
N THR C 144 20.94 23.62 8.09
CA THR C 144 21.24 25.05 8.19
C THR C 144 22.71 25.26 7.87
N PRO C 145 23.11 26.52 7.57
CA PRO C 145 24.51 26.77 7.17
C PRO C 145 25.56 26.20 8.12
N LEU C 146 26.61 25.65 7.53
CA LEU C 146 27.67 24.98 8.26
C LEU C 146 28.45 25.93 9.15
N ASP C 147 28.49 27.21 8.77
CA ASP C 147 29.26 28.17 9.54
C ASP C 147 28.58 28.44 10.88
N GLY C 148 27.25 28.37 10.89
CA GLY C 148 26.50 28.57 12.13
C GLY C 148 26.52 27.34 13.03
N ILE C 149 26.56 26.16 12.43
CA ILE C 149 26.66 24.91 13.19
C ILE C 149 28.03 24.84 13.84
N LEU C 150 29.05 25.19 13.08
CA LEU C 150 30.42 25.16 13.57
C LEU C 150 30.60 26.16 14.71
N LYS C 151 30.08 27.38 14.51
CA LYS C 151 30.17 28.42 15.53
C LYS C 151 29.49 28.02 16.85
N ALA C 152 28.32 27.40 16.76
CA ALA C 152 27.57 27.03 17.95
C ALA C 152 28.22 25.87 18.69
N ALA C 153 28.79 24.94 17.94
CA ALA C 153 29.56 23.84 18.49
C ALA C 153 30.80 24.33 19.22
N GLN C 154 31.58 25.21 18.58
CA GLN C 154 32.81 25.68 19.20
C GLN C 154 32.53 26.51 20.45
N GLU C 155 31.41 27.25 20.44
CA GLU C 155 31.01 28.01 21.61
C GLU C 155 30.59 27.09 22.74
N ALA C 156 30.02 25.93 22.38
CA ALA C 156 29.51 24.99 23.37
C ALA C 156 30.62 24.24 24.09
N LYS C 157 31.65 23.88 23.33
CA LYS C 157 32.75 23.07 23.84
C LYS C 157 33.56 23.81 24.92
N THR C 158 33.42 25.14 24.94
CA THR C 158 34.09 25.97 25.95
C THR C 158 33.24 26.22 27.21
N ALA C 159 32.02 25.69 27.24
CA ALA C 159 31.09 25.99 28.34
C ALA C 159 30.27 24.81 28.87
N LYS C 160 30.85 23.62 28.85
CA LYS C 160 30.23 22.43 29.46
C LYS C 160 28.83 22.09 28.93
N THR C 161 28.60 22.33 27.64
CA THR C 161 27.36 21.92 27.02
C THR C 161 27.67 20.79 26.04
N ASN C 162 27.00 19.65 26.21
CA ASN C 162 27.22 18.50 25.35
C ASN C 162 26.71 18.79 23.94
N VAL C 163 27.50 18.39 22.95
CA VAL C 163 27.15 18.65 21.57
C VAL C 163 26.71 17.37 20.88
N ILE C 164 25.44 17.32 20.51
CA ILE C 164 24.88 16.17 19.82
C ILE C 164 24.55 16.58 18.39
N LEU C 165 25.16 15.87 17.45
CA LEU C 165 24.98 16.19 16.04
C LEU C 165 24.29 15.03 15.31
N ASN C 166 23.13 15.33 14.73
CA ASN C 166 22.46 14.39 13.85
C ASN C 166 22.85 14.78 12.43
N PRO C 167 23.81 14.06 11.84
CA PRO C 167 24.44 14.53 10.60
C PRO C 167 23.57 14.31 9.37
N ALA C 168 22.40 14.94 9.39
CA ALA C 168 21.39 14.72 8.38
C ALA C 168 20.88 16.05 7.83
N PRO C 169 20.67 16.11 6.50
CA PRO C 169 20.91 15.03 5.55
C PRO C 169 22.38 14.85 5.26
N ALA C 170 22.74 13.69 4.69
CA ALA C 170 24.14 13.29 4.52
C ALA C 170 24.99 14.32 3.80
N ARG C 171 26.20 14.50 4.31
CA ARG C 171 27.25 15.30 3.66
C ARG C 171 28.56 15.15 4.44
N GLU C 172 29.68 15.44 3.80
CA GLU C 172 30.96 15.39 4.50
C GLU C 172 31.09 16.56 5.45
N LEU C 173 31.82 16.35 6.54
CA LEU C 173 32.00 17.40 7.54
C LEU C 173 33.48 17.63 7.85
N PRO C 174 33.84 18.88 8.23
CA PRO C 174 35.21 19.20 8.63
C PRO C 174 35.59 18.55 9.97
N ASP C 175 36.85 18.14 10.11
CA ASP C 175 37.34 17.57 11.36
C ASP C 175 37.18 18.61 12.47
N GLU C 176 37.45 19.86 12.10
CA GLU C 176 37.13 21.05 12.87
C GLU C 176 35.78 20.95 13.63
N LEU C 177 34.76 20.43 12.95
CA LEU C 177 33.43 20.30 13.54
C LEU C 177 33.24 18.97 14.30
N LEU C 178 33.70 17.87 13.70
CA LEU C 178 33.47 16.55 14.30
C LEU C 178 34.13 16.40 15.67
N LYS C 179 35.30 17.02 15.85
CA LYS C 179 36.00 16.94 17.13
C LYS C 179 35.22 17.68 18.22
N CYS C 180 34.37 18.61 17.84
CA CYS C 180 33.55 19.35 18.80
C CYS C 180 32.26 18.62 19.13
N VAL C 181 32.08 17.41 18.60
CA VAL C 181 30.87 16.63 18.82
C VAL C 181 31.07 15.53 19.87
N ASP C 182 30.12 15.40 20.80
CA ASP C 182 30.21 14.39 21.85
C ASP C 182 29.42 13.15 21.47
N LEU C 183 28.27 13.37 20.84
CA LEU C 183 27.43 12.26 20.42
C LEU C 183 26.95 12.51 18.99
N ILE C 184 27.01 11.47 18.16
CA ILE C 184 26.64 11.60 16.77
C ILE C 184 25.72 10.45 16.35
N THR C 185 24.66 10.81 15.63
CA THR C 185 23.60 9.87 15.27
C THR C 185 23.39 9.72 13.77
N PRO C 186 24.41 9.26 13.05
CA PRO C 186 24.20 9.05 11.61
C PRO C 186 23.31 7.85 11.37
N ASN C 187 22.63 7.83 10.23
CA ASN C 187 21.99 6.61 9.78
C ASN C 187 23.00 5.86 8.94
N GLU C 188 22.56 4.80 8.27
CA GLU C 188 23.50 3.96 7.53
C GLU C 188 24.19 4.72 6.40
N THR C 189 23.42 5.52 5.66
CA THR C 189 23.95 6.31 4.55
C THR C 189 24.94 7.37 5.02
N GLU C 190 24.56 8.10 6.07
CA GLU C 190 25.38 9.18 6.61
C GLU C 190 26.71 8.68 7.18
N ALA C 191 26.68 7.50 7.80
CA ALA C 191 27.90 6.91 8.32
C ALA C 191 28.86 6.60 7.17
N GLU C 192 28.28 6.11 6.07
CA GLU C 192 29.03 5.81 4.87
C GLU C 192 29.69 7.08 4.32
N VAL C 193 28.87 8.12 4.13
CA VAL C 193 29.35 9.37 3.60
C VAL C 193 30.46 9.98 4.46
N LEU C 194 30.28 9.96 5.77
CA LEU C 194 31.27 10.55 6.67
C LEU C 194 32.58 9.77 6.76
N THR C 195 32.51 8.45 6.60
CA THR C 195 33.68 7.61 6.84
C THR C 195 34.19 6.82 5.62
N GLY C 196 33.31 6.56 4.66
CA GLY C 196 33.69 5.80 3.49
C GLY C 196 33.49 4.31 3.73
N ILE C 197 33.11 3.96 4.96
CA ILE C 197 32.78 2.60 5.30
C ILE C 197 31.27 2.36 5.15
N THR C 198 30.91 1.40 4.31
CA THR C 198 29.52 1.02 4.16
C THR C 198 29.10 0.13 5.32
N VAL C 199 27.91 0.38 5.87
CA VAL C 199 27.44 -0.39 7.01
C VAL C 199 26.34 -1.35 6.60
N TYR C 200 26.61 -2.65 6.75
CA TYR C 200 25.66 -3.68 6.37
C TYR C 200 25.54 -4.78 7.42
N ASP C 201 26.55 -4.88 8.29
CA ASP C 201 26.54 -5.85 9.37
C ASP C 201 27.18 -5.29 10.64
N ASP C 202 27.42 -6.15 11.62
CA ASP C 202 28.00 -5.72 12.88
C ASP C 202 29.45 -5.24 12.72
N SER C 203 30.25 -6.03 12.01
CA SER C 203 31.67 -5.72 11.85
C SER C 203 31.90 -4.37 11.18
N SER C 204 31.17 -4.13 10.09
CA SER C 204 31.29 -2.88 9.35
C SER C 204 30.75 -1.70 10.16
N ALA C 205 29.73 -1.97 10.97
CA ALA C 205 29.14 -0.95 11.82
C ALA C 205 30.18 -0.43 12.82
N GLN C 206 30.90 -1.36 13.43
CA GLN C 206 31.95 -0.99 14.37
C GLN C 206 33.13 -0.30 13.68
N GLN C 207 33.39 -0.66 12.43
CA GLN C 207 34.46 -0.03 11.66
C GLN C 207 34.11 1.42 11.37
N ALA C 208 32.86 1.66 10.99
CA ALA C 208 32.38 3.02 10.79
C ALA C 208 32.39 3.78 12.12
N ALA C 209 32.01 3.10 13.19
CA ALA C 209 31.97 3.73 14.50
C ALA C 209 33.36 4.19 14.96
N ASP C 210 34.35 3.30 14.85
CA ASP C 210 35.71 3.65 15.24
C ASP C 210 36.31 4.81 14.46
N ALA C 211 36.01 4.89 13.16
CA ALA C 211 36.49 6.00 12.33
C ALA C 211 35.98 7.33 12.87
N LEU C 212 34.71 7.37 13.26
CA LEU C 212 34.13 8.56 13.88
C LEU C 212 34.72 8.80 15.28
N HIS C 213 35.05 7.72 15.98
CA HIS C 213 35.72 7.83 17.28
C HIS C 213 37.08 8.51 17.08
N CYS C 214 37.80 8.09 16.05
CA CYS C 214 39.11 8.63 15.73
C CYS C 214 39.06 10.12 15.39
N LYS C 215 37.86 10.60 15.08
CA LYS C 215 37.62 12.01 14.83
C LYS C 215 37.39 12.78 16.12
N GLY C 216 37.23 12.07 17.23
CA GLY C 216 37.11 12.71 18.53
C GLY C 216 35.73 12.64 19.16
N ILE C 217 34.87 11.80 18.60
CA ILE C 217 33.50 11.70 19.08
C ILE C 217 33.35 10.50 19.99
N GLU C 218 32.96 10.78 21.23
CA GLU C 218 32.86 9.73 22.25
C GLU C 218 31.74 8.72 21.97
N ILE C 219 30.54 9.20 21.70
CA ILE C 219 29.42 8.29 21.50
C ILE C 219 28.93 8.27 20.05
N VAL C 220 28.92 7.09 19.45
CA VAL C 220 28.37 6.90 18.12
C VAL C 220 27.15 6.01 18.18
N ILE C 221 26.04 6.53 17.66
CA ILE C 221 24.82 5.77 17.52
C ILE C 221 24.45 5.74 16.05
N ILE C 222 24.64 4.60 15.40
CA ILE C 222 24.25 4.47 14.00
C ILE C 222 22.85 3.87 13.94
N THR C 223 21.89 4.69 13.53
CA THR C 223 20.51 4.23 13.42
C THR C 223 20.35 3.32 12.21
N LEU C 224 19.56 2.26 12.39
CA LEU C 224 19.45 1.18 11.42
C LEU C 224 18.00 0.91 11.03
N GLY C 225 17.20 1.97 11.01
CA GLY C 225 15.80 1.86 10.63
C GLY C 225 15.06 0.93 11.54
N SER C 226 14.35 -0.04 10.95
CA SER C 226 13.60 -1.03 11.71
C SER C 226 14.50 -1.96 12.52
N LYS C 227 15.79 -1.95 12.22
CA LYS C 227 16.75 -2.86 12.86
C LYS C 227 17.21 -2.36 14.21
N GLY C 228 16.85 -1.12 14.55
CA GLY C 228 17.29 -0.53 15.80
C GLY C 228 18.47 0.42 15.59
N VAL C 229 19.47 0.31 16.45
CA VAL C 229 20.68 1.13 16.32
C VAL C 229 21.93 0.34 16.63
N TRP C 230 23.08 0.92 16.26
CA TRP C 230 24.37 0.43 16.68
C TRP C 230 25.01 1.46 17.58
N LEU C 231 25.17 1.11 18.86
CA LEU C 231 25.83 2.00 19.81
C LEU C 231 27.30 1.64 19.99
N SER C 232 28.16 2.65 19.96
CA SER C 232 29.59 2.46 20.21
C SER C 232 30.15 3.58 21.08
N GLN C 233 31.01 3.22 22.05
CA GLN C 233 31.56 4.22 22.97
C GLN C 233 33.07 4.43 22.85
N ASN C 234 33.84 3.35 22.90
CA ASN C 234 35.29 3.48 22.75
C ASN C 234 35.76 2.58 21.62
N GLY C 235 35.03 1.49 21.45
CA GLY C 235 35.37 0.44 20.50
C GLY C 235 34.48 -0.71 20.92
N ARG C 236 33.64 -0.42 21.91
CA ARG C 236 32.67 -1.38 22.40
C ARG C 236 31.32 -1.10 21.72
N GLY C 237 30.95 -1.95 20.77
CA GLY C 237 29.73 -1.75 20.01
C GLY C 237 28.69 -2.84 20.19
N GLN C 238 27.42 -2.46 20.16
CA GLN C 238 26.34 -3.43 20.24
C GLN C 238 25.08 -2.96 19.54
N ARG C 239 24.32 -3.92 19.02
CA ARG C 239 23.06 -3.65 18.36
C ARG C 239 21.93 -3.56 19.39
N ILE C 240 21.23 -2.43 19.41
CA ILE C 240 20.09 -2.26 20.29
C ILE C 240 18.80 -2.15 19.47
N PRO C 241 17.97 -3.19 19.53
CA PRO C 241 16.76 -3.28 18.70
C PRO C 241 15.68 -2.32 19.16
N GLY C 242 14.81 -1.94 18.24
CA GLY C 242 13.70 -1.08 18.56
C GLY C 242 12.47 -1.91 18.83
N PHE C 243 11.30 -1.38 18.51
CA PHE C 243 10.07 -2.13 18.65
C PHE C 243 9.45 -2.39 17.28
N VAL C 244 8.81 -3.54 17.15
CA VAL C 244 8.23 -3.93 15.88
C VAL C 244 6.87 -3.28 15.75
N VAL C 245 6.74 -2.40 14.77
CA VAL C 245 5.47 -1.75 14.48
C VAL C 245 5.25 -1.76 12.98
N LYS C 246 4.00 -1.60 12.56
CA LYS C 246 3.70 -1.47 11.15
C LYS C 246 3.85 -0.01 10.79
N ALA C 247 4.61 0.26 9.74
CA ALA C 247 4.94 1.64 9.38
C ALA C 247 3.82 2.30 8.59
N THR C 248 3.47 3.52 8.99
CA THR C 248 2.53 4.34 8.24
C THR C 248 3.34 5.39 7.47
N ASP C 249 4.41 5.88 8.09
CA ASP C 249 5.21 6.99 7.57
C ASP C 249 6.40 7.17 8.50
N THR C 250 7.61 6.95 7.97
CA THR C 250 8.81 7.03 8.79
C THR C 250 9.48 8.39 8.70
N THR C 251 8.81 9.36 8.11
CA THR C 251 9.45 10.65 7.82
C THR C 251 10.30 11.23 8.98
N ALA C 252 9.70 11.42 10.14
CA ALA C 252 10.40 12.03 11.27
C ALA C 252 10.76 11.02 12.35
N ALA C 253 10.99 9.77 11.95
CA ALA C 253 11.35 8.75 12.93
C ALA C 253 12.72 9.06 13.54
N GLY C 254 13.69 9.38 12.69
CA GLY C 254 15.01 9.75 13.17
C GLY C 254 15.01 11.03 13.99
N ASP C 255 14.13 11.96 13.63
CA ASP C 255 14.03 13.19 14.38
C ASP C 255 13.47 12.90 15.78
N THR C 256 12.40 12.09 15.83
CA THR C 256 11.78 11.75 17.11
C THR C 256 12.79 11.03 17.96
N PHE C 257 13.58 10.15 17.35
CA PHE C 257 14.64 9.44 18.07
C PHE C 257 15.65 10.40 18.69
N ASN C 258 16.19 11.31 17.89
CA ASN C 258 17.15 12.28 18.39
C ASN C 258 16.60 13.16 19.51
N GLY C 259 15.36 13.62 19.36
CA GLY C 259 14.74 14.49 20.35
C GLY C 259 14.53 13.75 21.67
N ALA C 260 14.01 12.54 21.58
CA ALA C 260 13.74 11.72 22.75
C ALA C 260 15.02 11.29 23.43
N LEU C 261 16.01 10.93 22.63
CA LEU C 261 17.31 10.50 23.13
C LEU C 261 18.00 11.55 24.01
N VAL C 262 18.11 12.78 23.51
CA VAL C 262 18.80 13.82 24.25
C VAL C 262 18.05 14.17 25.52
N THR C 263 16.73 14.10 25.44
CA THR C 263 15.86 14.40 26.56
C THR C 263 16.16 13.38 27.67
N GLY C 264 16.27 12.12 27.30
CA GLY C 264 16.55 11.06 28.26
C GLY C 264 17.90 11.21 28.95
N LEU C 265 18.92 11.55 28.16
CA LEU C 265 20.24 11.83 28.68
C LEU C 265 20.18 13.03 29.62
N LEU C 266 19.40 14.04 29.23
CA LEU C 266 19.21 15.24 30.04
C LEU C 266 18.64 14.87 31.39
N GLN C 267 17.72 13.92 31.38
CA GLN C 267 16.99 13.53 32.57
C GLN C 267 17.62 12.34 33.26
N GLU C 268 18.94 12.20 33.03
CA GLU C 268 19.78 11.23 33.74
C GLU C 268 19.46 9.76 33.49
N MET C 269 18.88 9.44 32.34
CA MET C 269 18.74 8.05 31.95
C MET C 269 20.11 7.54 31.55
N PRO C 270 20.46 6.32 31.99
CA PRO C 270 21.69 5.69 31.51
C PRO C 270 21.58 5.61 30.00
N LEU C 271 22.69 5.72 29.29
CA LEU C 271 22.70 5.79 27.83
C LEU C 271 21.80 4.73 27.15
N GLU C 272 21.97 3.46 27.52
CA GLU C 272 21.19 2.39 26.94
C GLU C 272 19.69 2.51 27.23
N SER C 273 19.33 3.09 28.37
CA SER C 273 17.93 3.30 28.71
C SER C 273 17.34 4.45 27.91
N ALA C 274 18.16 5.46 27.65
CA ALA C 274 17.73 6.63 26.87
C ALA C 274 17.46 6.24 25.41
N ILE C 275 18.22 5.26 24.93
CA ILE C 275 18.01 4.71 23.60
C ILE C 275 16.69 3.93 23.55
N LYS C 276 16.42 3.12 24.57
CA LYS C 276 15.17 2.37 24.61
C LYS C 276 13.99 3.32 24.68
N PHE C 277 14.14 4.37 25.47
CA PHE C 277 13.18 5.46 25.55
C PHE C 277 12.93 6.06 24.16
N ALA C 278 14.01 6.41 23.47
CA ALA C 278 13.91 6.98 22.12
C ALA C 278 13.32 6.00 21.09
N HIS C 279 13.64 4.71 21.22
CA HIS C 279 13.04 3.69 20.36
C HIS C 279 11.52 3.65 20.50
N ALA C 280 11.02 3.79 21.73
CA ALA C 280 9.58 3.79 21.94
C ALA C 280 8.95 5.02 21.30
N ALA C 281 9.56 6.17 21.53
CA ALA C 281 9.04 7.42 21.00
C ALA C 281 9.01 7.35 19.47
N ALA C 282 10.12 6.91 18.89
CA ALA C 282 10.21 6.81 17.43
C ALA C 282 9.26 5.75 16.87
N ALA C 283 9.14 4.61 17.56
CA ALA C 283 8.28 3.53 17.06
C ALA C 283 6.84 3.97 16.97
N ILE C 284 6.35 4.64 18.00
CA ILE C 284 5.01 5.19 17.97
C ILE C 284 4.87 6.13 16.79
N SER C 285 5.88 6.96 16.57
CA SER C 285 5.78 8.00 15.53
C SER C 285 5.68 7.35 14.17
N VAL C 286 6.35 6.20 14.02
CA VAL C 286 6.37 5.45 12.78
C VAL C 286 4.96 5.02 12.35
N THR C 287 4.11 4.79 13.35
CA THR C 287 2.75 4.38 13.09
C THR C 287 1.81 5.54 12.77
N ARG C 288 2.37 6.75 12.73
CA ARG C 288 1.57 7.95 12.47
C ARG C 288 2.12 8.75 11.29
N PHE C 289 1.24 9.54 10.67
CA PHE C 289 1.56 10.26 9.44
C PHE C 289 2.01 11.69 9.68
N GLY C 290 2.92 12.17 8.83
CA GLY C 290 3.37 13.56 8.89
C GLY C 290 4.52 13.76 9.86
N ALA C 291 5.25 14.84 9.69
CA ALA C 291 6.42 15.10 10.51
C ALA C 291 6.06 15.35 11.99
N GLN C 292 5.69 16.58 12.31
CA GLN C 292 5.41 16.91 13.70
C GLN C 292 4.11 16.32 14.21
N THR C 293 3.22 15.95 13.28
CA THR C 293 1.93 15.37 13.64
C THR C 293 2.08 13.93 14.16
N SER C 294 3.21 13.31 13.86
CA SER C 294 3.47 11.91 14.27
C SER C 294 4.12 11.81 15.65
N ILE C 295 4.62 12.94 16.16
CA ILE C 295 5.43 12.92 17.36
C ILE C 295 4.55 12.75 18.60
N PRO C 296 4.80 11.67 19.36
CA PRO C 296 3.96 11.35 20.51
C PRO C 296 4.17 12.24 21.74
N THR C 297 3.28 12.09 22.72
CA THR C 297 3.42 12.75 24.03
C THR C 297 4.27 11.88 24.96
N ARG C 298 4.84 12.51 26.00
CA ARG C 298 5.60 11.79 27.00
C ARG C 298 4.77 10.69 27.63
N ALA C 299 3.48 10.96 27.84
CA ALA C 299 2.58 9.99 28.46
C ALA C 299 2.42 8.74 27.60
N GLU C 300 2.27 8.95 26.29
CA GLU C 300 2.09 7.85 25.34
C GLU C 300 3.35 7.00 25.34
N VAL C 301 4.50 7.64 25.41
CA VAL C 301 5.77 6.93 25.41
C VAL C 301 5.92 6.11 26.69
N GLU C 302 5.54 6.71 27.82
CA GLU C 302 5.59 6.02 29.10
C GLU C 302 4.67 4.81 29.14
N ALA C 303 3.45 4.95 28.61
CA ALA C 303 2.51 3.85 28.60
C ALA C 303 3.01 2.71 27.71
N PHE C 304 3.53 3.09 26.54
CA PHE C 304 4.14 2.13 25.64
C PHE C 304 5.24 1.34 26.35
N LEU C 305 6.11 2.07 27.05
CA LEU C 305 7.22 1.44 27.75
C LEU C 305 6.72 0.58 28.92
N ALA C 306 5.60 0.99 29.52
CA ALA C 306 5.01 0.23 30.63
C ALA C 306 4.46 -1.10 30.11
N GLU C 307 3.94 -1.09 28.89
CA GLU C 307 3.42 -2.30 28.28
C GLU C 307 4.55 -3.20 27.74
N HIS C 308 5.64 -2.58 27.27
CA HIS C 308 6.67 -3.31 26.51
C HIS C 308 8.07 -3.39 27.11
N SER C 309 8.17 -3.34 28.43
CA SER C 309 9.48 -3.49 29.06
C SER C 309 9.37 -3.90 30.53
N MET D 4 -23.73 35.52 -20.75
CA MET D 4 -23.55 34.38 -21.63
C MET D 4 -22.30 34.56 -22.47
N ASN D 5 -21.18 34.08 -21.96
CA ASN D 5 -19.93 34.15 -22.71
C ASN D 5 -19.99 33.32 -23.97
N LYS D 6 -19.33 33.79 -25.02
CA LYS D 6 -19.34 33.09 -26.29
C LYS D 6 -18.45 31.85 -26.18
N LEU D 7 -17.46 31.92 -25.30
CA LEU D 7 -16.58 30.79 -25.05
C LEU D 7 -16.71 30.35 -23.60
N VAL D 8 -16.88 29.04 -23.40
CA VAL D 8 -16.75 28.47 -22.05
C VAL D 8 -15.57 27.51 -22.06
N VAL D 9 -14.67 27.67 -21.09
CA VAL D 9 -13.61 26.70 -20.83
C VAL D 9 -13.94 25.93 -19.56
N LEU D 10 -13.84 24.62 -19.63
CA LEU D 10 -14.02 23.77 -18.46
C LEU D 10 -12.72 22.99 -18.31
N GLY D 11 -12.12 23.01 -17.13
CA GLY D 11 -10.89 22.29 -16.93
C GLY D 11 -10.26 22.49 -15.57
N SER D 12 -9.01 22.09 -15.49
CA SER D 12 -8.30 21.96 -14.23
C SER D 12 -7.64 23.26 -13.83
N VAL D 13 -7.36 23.38 -12.54
CA VAL D 13 -6.48 24.44 -12.04
C VAL D 13 -5.47 23.79 -11.11
N ASN D 14 -4.19 24.05 -11.36
CA ASN D 14 -3.13 23.47 -10.55
C ASN D 14 -2.23 24.55 -9.97
N ALA D 15 -1.66 24.24 -8.82
CA ALA D 15 -0.54 24.99 -8.30
C ALA D 15 0.70 24.15 -8.58
N ASP D 16 1.56 24.65 -9.47
CA ASP D 16 2.75 23.91 -9.80
C ASP D 16 3.88 24.27 -8.84
N HIS D 17 4.31 23.28 -8.05
CA HIS D 17 5.43 23.44 -7.14
C HIS D 17 6.67 22.90 -7.82
N VAL D 18 7.58 23.80 -8.19
CA VAL D 18 8.74 23.41 -8.97
C VAL D 18 10.02 23.58 -8.17
N LEU D 19 10.83 22.52 -8.13
CA LEU D 19 12.11 22.50 -7.43
C LEU D 19 13.22 21.94 -8.32
N GLN D 20 14.38 22.59 -8.32
CA GLN D 20 15.53 22.04 -9.03
C GLN D 20 16.30 21.14 -8.08
N VAL D 21 16.65 19.95 -8.55
CA VAL D 21 17.35 18.98 -7.71
C VAL D 21 18.64 18.48 -8.38
N PRO D 22 19.63 18.03 -7.58
CA PRO D 22 20.89 17.54 -8.15
C PRO D 22 20.76 16.20 -8.85
N SER D 23 19.93 15.30 -8.30
CA SER D 23 19.72 13.98 -8.88
C SER D 23 18.25 13.61 -8.85
N PHE D 24 17.89 12.54 -9.54
CA PHE D 24 16.49 12.11 -9.60
C PHE D 24 16.02 11.55 -8.26
N PRO D 25 14.94 12.11 -7.70
CA PRO D 25 14.40 11.76 -6.38
C PRO D 25 14.09 10.27 -6.23
N ARG D 26 14.32 9.75 -5.03
CA ARG D 26 14.09 8.35 -4.73
C ARG D 26 14.01 8.23 -3.21
N PRO D 27 13.42 7.13 -2.71
CA PRO D 27 13.33 7.04 -1.25
C PRO D 27 14.72 6.94 -0.64
N GLY D 28 14.86 7.33 0.63
CA GLY D 28 16.14 7.28 1.30
C GLY D 28 16.49 8.61 1.91
N GLU D 29 17.71 9.07 1.65
CA GLU D 29 18.21 10.32 2.20
C GLU D 29 17.48 11.52 1.58
N THR D 30 17.28 12.58 2.37
CA THR D 30 16.67 13.79 1.82
C THR D 30 17.66 14.53 0.92
N LEU D 31 17.15 15.04 -0.19
CA LEU D 31 17.92 15.71 -1.23
C LEU D 31 17.85 17.22 -1.09
N HIS D 32 18.99 17.91 -1.13
CA HIS D 32 19.01 19.38 -1.18
C HIS D 32 18.64 19.90 -2.56
N GLY D 33 17.53 20.64 -2.66
CA GLY D 33 17.12 21.27 -3.90
C GLY D 33 17.30 22.78 -3.84
N ARG D 34 16.83 23.48 -4.88
CA ARG D 34 17.02 24.93 -4.96
C ARG D 34 16.03 25.58 -5.91
N ASN D 35 15.94 26.90 -5.87
CA ASN D 35 15.07 27.66 -6.78
C ASN D 35 13.64 27.14 -6.78
N TYR D 36 13.11 27.02 -5.58
CA TYR D 36 11.73 26.60 -5.38
C TYR D 36 10.78 27.68 -5.83
N GLN D 37 9.73 27.28 -6.54
CA GLN D 37 8.69 28.22 -6.90
C GLN D 37 7.33 27.56 -6.95
N VAL D 38 6.30 28.33 -6.63
CA VAL D 38 4.92 27.92 -6.82
C VAL D 38 4.32 28.76 -7.93
N ILE D 39 4.04 28.10 -9.06
CA ILE D 39 3.61 28.79 -10.27
C ILE D 39 2.23 28.29 -10.64
N PRO D 40 1.32 29.22 -10.97
CA PRO D 40 -0.03 28.83 -11.40
C PRO D 40 0.03 28.05 -12.70
N GLY D 41 -0.75 26.98 -12.75
CA GLY D 41 -0.80 26.14 -13.92
C GLY D 41 -2.12 25.39 -14.02
N GLY D 42 -2.07 24.23 -14.66
CA GLY D 42 -3.26 23.46 -14.95
C GLY D 42 -3.69 23.76 -16.38
N LYS D 43 -4.07 22.73 -17.12
CA LYS D 43 -4.47 22.91 -18.51
C LYS D 43 -5.70 23.81 -18.68
N GLY D 44 -6.67 23.68 -17.78
CA GLY D 44 -7.85 24.55 -17.85
C GLY D 44 -7.51 26.01 -17.68
N ALA D 45 -6.79 26.31 -16.60
CA ALA D 45 -6.35 27.66 -16.26
C ALA D 45 -5.52 28.25 -17.37
N ASN D 46 -4.58 27.45 -17.88
CA ASN D 46 -3.72 27.89 -18.96
C ASN D 46 -4.51 28.25 -20.20
N GLN D 47 -5.49 27.41 -20.54
CA GLN D 47 -6.29 27.67 -21.73
C GLN D 47 -7.29 28.81 -21.55
N ALA D 48 -7.85 28.96 -20.34
CA ALA D 48 -8.71 30.10 -20.08
C ALA D 48 -7.89 31.40 -20.08
N VAL D 49 -6.73 31.36 -19.45
CA VAL D 49 -5.86 32.54 -19.43
C VAL D 49 -5.40 32.92 -20.83
N ALA D 50 -5.03 31.93 -21.63
CA ALA D 50 -4.69 32.18 -23.03
C ALA D 50 -5.85 32.83 -23.78
N ALA D 51 -7.05 32.29 -23.64
CA ALA D 51 -8.19 32.88 -24.34
C ALA D 51 -8.43 34.30 -23.86
N ALA D 52 -8.36 34.51 -22.54
CA ALA D 52 -8.57 35.86 -21.99
C ALA D 52 -7.53 36.86 -22.49
N ARG D 53 -6.27 36.43 -22.52
CA ARG D 53 -5.20 37.32 -22.96
C ARG D 53 -5.35 37.65 -24.44
N MET D 54 -5.99 36.76 -25.21
CA MET D 54 -6.30 37.05 -26.61
C MET D 54 -7.63 37.76 -26.75
N GLN D 55 -8.23 38.10 -25.60
CA GLN D 55 -9.47 38.86 -25.51
C GLN D 55 -10.72 38.13 -25.98
N ALA D 56 -10.74 36.81 -25.83
CA ALA D 56 -11.99 36.09 -26.05
C ALA D 56 -12.99 36.47 -24.96
N ASP D 57 -14.27 36.33 -25.30
CA ASP D 57 -15.37 36.54 -24.37
C ASP D 57 -15.55 35.22 -23.62
N VAL D 58 -14.84 35.07 -22.51
CA VAL D 58 -14.64 33.72 -21.96
C VAL D 58 -15.08 33.56 -20.50
N GLY D 59 -15.82 32.49 -20.23
CA GLY D 59 -16.12 32.07 -18.86
C GLY D 59 -15.42 30.77 -18.54
N PHE D 60 -15.10 30.55 -17.27
CA PHE D 60 -14.31 29.38 -16.86
C PHE D 60 -15.10 28.57 -15.86
N ILE D 61 -15.23 27.27 -16.13
CA ILE D 61 -15.81 26.31 -15.19
C ILE D 61 -14.69 25.45 -14.60
N ALA D 62 -14.54 25.50 -13.28
CA ALA D 62 -13.43 24.82 -12.60
C ALA D 62 -13.68 24.68 -11.12
N CYS D 63 -13.00 23.73 -10.50
CA CYS D 63 -12.99 23.63 -9.05
C CYS D 63 -11.61 23.98 -8.53
N VAL D 64 -11.51 25.06 -7.77
CA VAL D 64 -10.26 25.35 -7.08
C VAL D 64 -10.44 25.07 -5.59
N GLY D 65 -9.36 25.10 -4.84
CA GLY D 65 -9.45 24.84 -3.43
C GLY D 65 -9.80 26.11 -2.67
N ASP D 66 -10.03 25.99 -1.37
CA ASP D 66 -10.22 27.19 -0.57
C ASP D 66 -8.96 27.57 0.19
N ASP D 67 -7.82 27.06 -0.28
CA ASP D 67 -6.52 27.51 0.21
C ASP D 67 -6.26 28.92 -0.30
N SER D 68 -5.18 29.52 0.16
CA SER D 68 -4.80 30.86 -0.27
C SER D 68 -4.62 30.88 -1.77
N PHE D 69 -3.99 29.83 -2.30
CA PHE D 69 -3.76 29.75 -3.74
C PHE D 69 -5.09 29.83 -4.49
N GLY D 70 -6.04 29.00 -4.08
CA GLY D 70 -7.33 28.93 -4.74
C GLY D 70 -8.08 30.25 -4.76
N ILE D 71 -8.08 30.93 -3.61
CA ILE D 71 -8.81 32.18 -3.47
C ILE D 71 -8.15 33.25 -4.34
N ASN D 72 -6.83 33.36 -4.21
CA ASN D 72 -6.08 34.36 -4.97
C ASN D 72 -6.12 34.13 -6.47
N ILE D 73 -6.06 32.87 -6.91
CA ILE D 73 -6.01 32.61 -8.35
C ILE D 73 -7.35 32.93 -8.99
N ARG D 74 -8.44 32.74 -8.25
CA ARG D 74 -9.75 33.09 -8.76
C ARG D 74 -9.87 34.61 -8.95
N GLU D 75 -9.30 35.37 -8.01
CA GLU D 75 -9.25 36.82 -8.16
C GLU D 75 -8.36 37.19 -9.34
N SER D 76 -7.27 36.44 -9.51
CA SER D 76 -6.37 36.69 -10.63
C SER D 76 -7.07 36.47 -11.97
N PHE D 77 -7.88 35.41 -12.04
CA PHE D 77 -8.66 35.12 -13.24
C PHE D 77 -9.58 36.29 -13.59
N LYS D 78 -10.23 36.88 -12.58
CA LYS D 78 -11.08 38.05 -12.81
C LYS D 78 -10.31 39.18 -13.49
N LEU D 79 -9.13 39.49 -12.95
CA LEU D 79 -8.28 40.55 -13.49
C LEU D 79 -7.82 40.24 -14.92
N ASP D 80 -7.71 38.96 -15.25
CA ASP D 80 -7.37 38.53 -16.61
C ASP D 80 -8.48 38.85 -17.59
N GLY D 81 -9.69 39.04 -17.07
CA GLY D 81 -10.87 39.25 -17.89
C GLY D 81 -11.67 37.97 -18.06
N ILE D 82 -11.53 37.04 -17.12
CA ILE D 82 -12.27 35.78 -17.19
C ILE D 82 -13.53 35.88 -16.32
N ASN D 83 -14.67 35.42 -16.84
CA ASN D 83 -15.86 35.30 -16.00
C ASN D 83 -15.71 34.07 -15.13
N THR D 84 -15.65 34.30 -13.83
CA THR D 84 -15.34 33.24 -12.86
C THR D 84 -16.55 32.76 -12.07
N ALA D 85 -17.74 33.09 -12.55
CA ALA D 85 -18.98 32.66 -11.92
C ALA D 85 -18.98 31.15 -11.69
N GLY D 86 -18.49 30.41 -12.68
CA GLY D 86 -18.48 28.95 -12.63
C GLY D 86 -17.21 28.35 -12.06
N VAL D 87 -16.34 29.19 -11.52
CA VAL D 87 -15.18 28.71 -10.79
C VAL D 87 -15.59 28.47 -9.33
N LYS D 88 -15.65 27.20 -8.93
CA LYS D 88 -16.08 26.81 -7.60
C LYS D 88 -14.93 26.76 -6.60
N LEU D 89 -15.16 27.32 -5.42
CA LEU D 89 -14.18 27.30 -4.36
C LEU D 89 -14.52 26.07 -3.49
N GLN D 90 -13.63 25.09 -3.43
CA GLN D 90 -13.97 23.82 -2.78
C GLN D 90 -13.67 23.84 -1.27
N PRO D 91 -14.68 23.57 -0.44
CA PRO D 91 -14.51 23.72 1.01
C PRO D 91 -13.53 22.71 1.60
N ASN D 92 -12.65 23.20 2.49
CA ASN D 92 -11.60 22.40 3.15
C ASN D 92 -10.91 21.41 2.21
N CYS D 93 -10.42 21.95 1.11
CA CYS D 93 -9.83 21.15 0.05
C CYS D 93 -8.80 22.05 -0.61
N PRO D 94 -7.58 21.54 -0.78
CA PRO D 94 -6.54 22.34 -1.45
C PRO D 94 -6.73 22.36 -2.97
N THR D 95 -6.16 23.36 -3.62
CA THR D 95 -6.17 23.39 -5.06
C THR D 95 -5.31 22.22 -5.56
N GLY D 96 -5.68 21.62 -6.69
CA GLY D 96 -4.87 20.58 -7.29
C GLY D 96 -3.42 21.02 -7.38
N ILE D 97 -2.49 20.09 -7.23
CA ILE D 97 -1.09 20.46 -7.30
C ILE D 97 -0.29 19.52 -8.18
N ALA D 98 0.79 20.06 -8.74
CA ALA D 98 1.79 19.23 -9.37
C ALA D 98 3.10 19.43 -8.62
N MET D 99 3.70 18.35 -8.16
CA MET D 99 5.05 18.41 -7.60
C MET D 99 6.06 18.06 -8.69
N ILE D 100 6.78 19.07 -9.15
CA ILE D 100 7.69 18.96 -10.28
C ILE D 100 9.14 19.13 -9.82
N GLN D 101 9.91 18.05 -9.84
CA GLN D 101 11.31 18.15 -9.50
C GLN D 101 12.13 18.05 -10.79
N VAL D 102 12.84 19.12 -11.11
CA VAL D 102 13.66 19.16 -12.31
C VAL D 102 15.11 18.81 -11.98
N SER D 103 15.55 17.64 -12.43
CA SER D 103 16.90 17.17 -12.11
C SER D 103 18.00 17.71 -13.03
N ASP D 104 19.16 17.99 -12.44
CA ASP D 104 20.32 18.47 -13.17
C ASP D 104 20.77 17.45 -14.21
N SER D 105 20.49 16.18 -13.94
CA SER D 105 20.77 15.13 -14.89
C SER D 105 19.87 15.25 -16.11
N GLY D 106 19.16 14.17 -16.43
CA GLY D 106 18.35 14.17 -17.62
C GLY D 106 16.90 14.57 -17.42
N GLU D 107 16.25 13.99 -16.42
CA GLU D 107 14.79 14.00 -16.42
C GLU D 107 14.09 14.55 -15.20
N ASN D 108 12.77 14.65 -15.33
CA ASN D 108 11.92 15.28 -14.34
C ASN D 108 11.05 14.28 -13.61
N SER D 109 10.82 14.56 -12.34
CA SER D 109 9.91 13.78 -11.51
C SER D 109 8.64 14.61 -11.41
N ILE D 110 7.52 14.05 -11.85
CA ILE D 110 6.26 14.78 -11.81
C ILE D 110 5.26 13.96 -11.02
N CYS D 111 4.76 14.56 -9.94
CA CYS D 111 3.72 13.92 -9.15
C CYS D 111 2.55 14.87 -9.01
N ILE D 112 1.37 14.41 -9.39
CA ILE D 112 0.22 15.29 -9.48
C ILE D 112 -0.92 14.72 -8.64
N SER D 113 -1.62 15.60 -7.93
CA SER D 113 -2.79 15.22 -7.16
C SER D 113 -3.96 16.07 -7.58
N ALA D 114 -5.08 15.42 -7.93
CA ALA D 114 -6.27 16.13 -8.40
C ALA D 114 -6.80 17.15 -7.39
N GLU D 115 -6.85 16.75 -6.12
CA GLU D 115 -7.47 17.59 -5.09
C GLU D 115 -8.83 18.15 -5.53
N ALA D 116 -8.99 19.47 -5.48
CA ALA D 116 -10.25 20.14 -5.81
C ALA D 116 -10.73 19.81 -7.21
N ASN D 117 -9.80 19.59 -8.13
CA ASN D 117 -10.19 19.22 -9.48
C ASN D 117 -11.11 18.00 -9.52
N ALA D 118 -10.89 17.04 -8.62
CA ALA D 118 -11.68 15.81 -8.63
C ALA D 118 -13.17 16.02 -8.34
N LYS D 119 -13.48 17.18 -7.77
CA LYS D 119 -14.87 17.50 -7.42
C LYS D 119 -15.69 18.03 -8.59
N LEU D 120 -15.05 18.18 -9.75
CA LEU D 120 -15.75 18.68 -10.94
C LEU D 120 -16.48 17.52 -11.63
N THR D 121 -17.56 17.10 -11.00
CA THR D 121 -18.31 15.92 -11.39
C THR D 121 -19.47 16.35 -12.27
N ALA D 122 -20.21 15.37 -12.79
CA ALA D 122 -21.38 15.65 -13.58
C ALA D 122 -22.38 16.53 -12.82
N ALA D 123 -22.66 16.19 -11.56
CA ALA D 123 -23.61 16.96 -10.77
C ALA D 123 -23.08 18.35 -10.42
N ALA D 124 -21.76 18.47 -10.30
CA ALA D 124 -21.17 19.73 -9.89
C ALA D 124 -21.39 20.80 -10.94
N ILE D 125 -21.50 20.41 -12.20
CA ILE D 125 -21.63 21.44 -13.25
C ILE D 125 -23.08 21.75 -13.61
N GLU D 126 -24.02 21.23 -12.82
CA GLU D 126 -25.43 21.55 -13.02
C GLU D 126 -25.70 23.07 -13.13
N PRO D 127 -25.16 23.88 -12.22
CA PRO D 127 -25.47 25.32 -12.38
C PRO D 127 -24.74 25.99 -13.55
N ASP D 128 -23.88 25.25 -14.25
CA ASP D 128 -23.13 25.80 -15.38
C ASP D 128 -23.71 25.38 -16.72
N LEU D 129 -24.74 24.54 -16.70
CA LEU D 129 -25.28 23.96 -17.92
C LEU D 129 -25.87 25.03 -18.85
N ALA D 130 -26.49 26.05 -18.27
CA ALA D 130 -27.04 27.15 -19.05
C ALA D 130 -25.95 27.85 -19.85
N ALA D 131 -24.84 28.12 -19.18
CA ALA D 131 -23.69 28.78 -19.82
C ALA D 131 -23.16 27.96 -20.98
N ILE D 132 -23.05 26.64 -20.77
CA ILE D 132 -22.59 25.75 -21.82
C ILE D 132 -23.55 25.80 -23.00
N ARG D 133 -24.85 25.83 -22.70
CA ARG D 133 -25.86 25.86 -23.74
C ARG D 133 -25.81 27.15 -24.56
N ASP D 134 -25.51 28.25 -23.89
CA ASP D 134 -25.61 29.56 -24.53
C ASP D 134 -24.31 29.97 -25.21
N ALA D 135 -23.25 29.23 -24.96
CA ALA D 135 -21.95 29.53 -25.54
C ALA D 135 -21.86 29.11 -27.01
N ARG D 136 -20.90 29.70 -27.73
CA ARG D 136 -20.65 29.25 -29.10
C ARG D 136 -19.64 28.09 -29.12
N TYR D 137 -18.68 28.15 -28.21
CA TYR D 137 -17.69 27.07 -28.09
C TYR D 137 -17.50 26.63 -26.66
N LEU D 138 -17.31 25.33 -26.50
CA LEU D 138 -16.89 24.72 -25.23
C LEU D 138 -15.50 24.11 -25.46
N LEU D 139 -14.51 24.62 -24.74
CA LEU D 139 -13.15 24.08 -24.79
C LEU D 139 -12.83 23.34 -23.49
N MET D 140 -12.39 22.08 -23.62
CA MET D 140 -12.12 21.24 -22.44
C MET D 140 -10.83 20.47 -22.60
N GLN D 141 -10.29 19.97 -21.50
CA GLN D 141 -9.12 19.10 -21.55
C GLN D 141 -9.42 17.86 -20.71
N LEU D 142 -8.38 17.15 -20.26
CA LEU D 142 -8.60 15.87 -19.60
C LEU D 142 -8.00 15.83 -18.21
N GLU D 143 -7.86 17.00 -17.60
CA GLU D 143 -7.28 17.09 -16.28
C GLU D 143 -8.35 17.21 -15.19
N THR D 144 -9.60 16.93 -15.54
CA THR D 144 -10.69 16.83 -14.55
C THR D 144 -11.47 15.52 -14.81
N PRO D 145 -12.42 15.15 -13.93
CA PRO D 145 -13.08 13.85 -14.10
C PRO D 145 -13.87 13.69 -15.39
N LEU D 146 -13.79 12.48 -15.93
CA LEU D 146 -14.49 12.16 -17.17
C LEU D 146 -15.98 12.42 -17.11
N ASP D 147 -16.61 12.16 -15.97
CA ASP D 147 -18.06 12.33 -15.87
C ASP D 147 -18.52 13.78 -16.10
N GLY D 148 -17.76 14.74 -15.58
CA GLY D 148 -18.08 16.14 -15.82
C GLY D 148 -17.82 16.53 -17.26
N ILE D 149 -16.73 16.02 -17.81
CA ILE D 149 -16.39 16.32 -19.19
C ILE D 149 -17.43 15.76 -20.16
N LEU D 150 -17.83 14.52 -19.93
CA LEU D 150 -18.87 13.90 -20.73
C LEU D 150 -20.22 14.61 -20.61
N LYS D 151 -20.63 14.97 -19.40
CA LYS D 151 -21.92 15.64 -19.20
C LYS D 151 -21.90 16.97 -19.92
N ALA D 152 -20.79 17.69 -19.79
CA ALA D 152 -20.67 19.00 -20.44
C ALA D 152 -20.73 18.87 -21.96
N ALA D 153 -20.09 17.83 -22.48
CA ALA D 153 -20.06 17.60 -23.92
C ALA D 153 -21.45 17.28 -24.46
N GLN D 154 -22.21 16.52 -23.68
CA GLN D 154 -23.57 16.14 -24.07
C GLN D 154 -24.49 17.35 -24.07
N GLU D 155 -24.34 18.19 -23.07
CA GLU D 155 -25.16 19.39 -22.99
C GLU D 155 -24.86 20.32 -24.18
N ALA D 156 -23.58 20.50 -24.47
CA ALA D 156 -23.17 21.36 -25.58
C ALA D 156 -23.73 20.85 -26.90
N LYS D 157 -23.60 19.55 -27.12
CA LYS D 157 -24.06 18.93 -28.35
C LYS D 157 -25.51 19.24 -28.64
N THR D 158 -26.35 19.18 -27.61
CA THR D 158 -27.78 19.35 -27.81
C THR D 158 -28.17 20.81 -27.97
N ALA D 159 -27.30 21.72 -27.53
CA ALA D 159 -27.57 23.14 -27.67
C ALA D 159 -26.81 23.70 -28.86
N LYS D 160 -26.21 22.79 -29.63
CA LYS D 160 -25.43 23.14 -30.80
C LYS D 160 -24.23 24.04 -30.46
N THR D 161 -23.67 23.83 -29.28
CA THR D 161 -22.44 24.49 -28.89
C THR D 161 -21.27 23.65 -29.40
N ASN D 162 -20.35 24.27 -30.11
CA ASN D 162 -19.22 23.53 -30.67
C ASN D 162 -18.28 23.02 -29.59
N VAL D 163 -17.93 21.75 -29.67
CA VAL D 163 -17.08 21.15 -28.64
C VAL D 163 -15.65 20.95 -29.13
N ILE D 164 -14.71 21.62 -28.48
CA ILE D 164 -13.30 21.40 -28.77
C ILE D 164 -12.69 20.68 -27.58
N LEU D 165 -12.12 19.51 -27.84
CA LEU D 165 -11.45 18.76 -26.79
C LEU D 165 -9.96 18.69 -27.08
N ASN D 166 -9.16 19.25 -26.17
CA ASN D 166 -7.72 19.04 -26.17
C ASN D 166 -7.46 17.84 -25.27
N PRO D 167 -7.13 16.68 -25.87
CA PRO D 167 -7.16 15.42 -25.11
C PRO D 167 -5.87 15.22 -24.32
N ALA D 168 -5.61 16.13 -23.40
CA ALA D 168 -4.33 16.21 -22.68
C ALA D 168 -4.61 16.33 -21.20
N PRO D 169 -3.84 15.60 -20.38
CA PRO D 169 -2.77 14.67 -20.73
C PRO D 169 -3.32 13.39 -21.35
N ALA D 170 -2.44 12.68 -22.04
CA ALA D 170 -2.82 11.49 -22.81
C ALA D 170 -3.54 10.44 -22.00
N ARG D 171 -4.66 9.98 -22.53
CA ARG D 171 -5.40 8.88 -21.95
C ARG D 171 -6.39 8.37 -22.98
N GLU D 172 -6.82 7.12 -22.81
CA GLU D 172 -7.83 6.57 -23.67
C GLU D 172 -9.17 7.22 -23.37
N LEU D 173 -10.01 7.34 -24.38
CA LEU D 173 -11.32 7.95 -24.24
C LEU D 173 -12.42 7.05 -24.81
N PRO D 174 -13.62 7.11 -24.22
CA PRO D 174 -14.74 6.29 -24.64
C PRO D 174 -15.48 6.87 -25.84
N ASP D 175 -16.06 6.01 -26.68
CA ASP D 175 -16.85 6.43 -27.83
C ASP D 175 -17.93 7.45 -27.48
N GLU D 176 -18.53 7.33 -26.28
CA GLU D 176 -19.61 8.22 -25.86
C GLU D 176 -19.18 9.69 -25.76
N LEU D 177 -17.92 9.91 -25.38
CA LEU D 177 -17.38 11.27 -25.35
C LEU D 177 -16.98 11.71 -26.76
N LEU D 178 -16.19 10.87 -27.42
CA LEU D 178 -15.61 11.22 -28.73
C LEU D 178 -16.68 11.61 -29.74
N LYS D 179 -17.81 10.91 -29.73
CA LYS D 179 -18.90 11.21 -30.66
C LYS D 179 -19.51 12.60 -30.41
N CYS D 180 -19.27 13.14 -29.22
CA CYS D 180 -19.74 14.48 -28.91
C CYS D 180 -18.67 15.58 -29.07
N VAL D 181 -17.60 15.30 -29.83
CA VAL D 181 -16.55 16.30 -30.03
C VAL D 181 -16.56 16.76 -31.48
N ASP D 182 -16.44 18.07 -31.69
CA ASP D 182 -16.43 18.58 -33.06
C ASP D 182 -15.02 18.78 -33.59
N LEU D 183 -14.12 19.12 -32.67
CA LEU D 183 -12.72 19.40 -33.04
C LEU D 183 -11.83 18.86 -31.93
N ILE D 184 -10.89 17.99 -32.29
CA ILE D 184 -9.99 17.43 -31.31
C ILE D 184 -8.55 17.84 -31.63
N THR D 185 -7.78 18.17 -30.60
CA THR D 185 -6.42 18.69 -30.81
C THR D 185 -5.27 17.87 -30.14
N PRO D 186 -5.14 16.56 -30.44
CA PRO D 186 -4.06 15.78 -29.81
C PRO D 186 -2.70 16.19 -30.32
N ASN D 187 -1.68 16.05 -29.49
CA ASN D 187 -0.32 16.02 -30.00
C ASN D 187 -0.01 14.61 -30.51
N GLU D 188 1.22 14.37 -30.96
CA GLU D 188 1.53 13.08 -31.57
C GLU D 188 1.37 11.93 -30.59
N THR D 189 1.79 12.16 -29.36
CA THR D 189 1.66 11.15 -28.32
C THR D 189 0.20 10.84 -28.02
N GLU D 190 -0.60 11.88 -27.83
CA GLU D 190 -2.02 11.69 -27.53
C GLU D 190 -2.75 11.02 -28.68
N ALA D 191 -2.40 11.37 -29.92
CA ALA D 191 -3.04 10.73 -31.07
C ALA D 191 -2.78 9.23 -31.04
N GLU D 192 -1.56 8.85 -30.67
CA GLU D 192 -1.17 7.45 -30.60
C GLU D 192 -1.95 6.73 -29.50
N VAL D 193 -2.06 7.37 -28.34
CA VAL D 193 -2.80 6.78 -27.24
C VAL D 193 -4.28 6.57 -27.60
N LEU D 194 -4.86 7.56 -28.26
CA LEU D 194 -6.28 7.54 -28.61
C LEU D 194 -6.66 6.55 -29.72
N THR D 195 -5.74 6.31 -30.66
CA THR D 195 -6.04 5.54 -31.85
C THR D 195 -5.20 4.27 -31.97
N GLY D 196 -4.12 4.18 -31.20
CA GLY D 196 -3.16 3.09 -31.35
C GLY D 196 -2.23 3.23 -32.55
N ILE D 197 -2.32 4.37 -33.24
CA ILE D 197 -1.52 4.62 -34.42
C ILE D 197 -0.39 5.59 -34.10
N THR D 198 0.85 5.15 -34.29
CA THR D 198 2.00 6.03 -34.10
C THR D 198 2.09 7.03 -35.24
N VAL D 199 2.17 8.32 -34.89
CA VAL D 199 2.22 9.36 -35.89
C VAL D 199 3.64 9.87 -36.10
N TYR D 200 4.18 9.59 -37.27
CA TYR D 200 5.58 9.94 -37.55
C TYR D 200 5.78 10.57 -38.93
N ASP D 201 4.74 10.56 -39.77
CA ASP D 201 4.80 11.19 -41.09
C ASP D 201 3.40 11.60 -41.56
N ASP D 202 3.26 12.11 -42.79
CA ASP D 202 1.94 12.59 -43.21
C ASP D 202 0.92 11.46 -43.36
N SER D 203 1.36 10.29 -43.82
CA SER D 203 0.46 9.17 -44.05
C SER D 203 -0.10 8.67 -42.73
N SER D 204 0.78 8.50 -41.75
CA SER D 204 0.36 7.96 -40.46
C SER D 204 -0.47 9.01 -39.71
N ALA D 205 -0.12 10.28 -39.86
CA ALA D 205 -0.98 11.35 -39.35
C ALA D 205 -2.41 11.26 -39.89
N GLN D 206 -2.57 11.11 -41.21
CA GLN D 206 -3.92 10.97 -41.77
C GLN D 206 -4.65 9.70 -41.29
N GLN D 207 -3.92 8.60 -41.13
CA GLN D 207 -4.52 7.39 -40.59
C GLN D 207 -5.08 7.60 -39.18
N ALA D 208 -4.30 8.26 -38.34
CA ALA D 208 -4.72 8.56 -36.96
C ALA D 208 -5.91 9.53 -36.99
N ALA D 209 -5.86 10.53 -37.86
CA ALA D 209 -7.02 11.42 -37.97
C ALA D 209 -8.27 10.64 -38.38
N ASP D 210 -8.15 9.69 -39.26
CA ASP D 210 -9.35 9.04 -39.75
C ASP D 210 -9.96 8.14 -38.73
N ALA D 211 -9.13 7.50 -37.94
CA ALA D 211 -9.65 6.73 -36.81
C ALA D 211 -10.48 7.65 -35.93
N LEU D 212 -10.05 8.90 -35.78
CA LEU D 212 -10.83 9.84 -34.96
C LEU D 212 -12.10 10.34 -35.68
N HIS D 213 -12.04 10.49 -37.01
CA HIS D 213 -13.24 10.82 -37.78
C HIS D 213 -14.26 9.67 -37.65
N CYS D 214 -13.78 8.43 -37.71
CA CYS D 214 -14.59 7.23 -37.52
C CYS D 214 -15.29 7.23 -36.16
N LYS D 215 -14.72 7.94 -35.20
CA LYS D 215 -15.30 8.03 -33.86
C LYS D 215 -16.27 9.19 -33.77
N GLY D 216 -16.51 9.84 -34.90
CA GLY D 216 -17.53 10.88 -34.96
C GLY D 216 -17.01 12.30 -34.83
N ILE D 217 -15.69 12.49 -34.90
CA ILE D 217 -15.11 13.83 -34.79
C ILE D 217 -14.82 14.39 -36.18
N GLU D 218 -15.45 15.51 -36.50
CA GLU D 218 -15.39 16.11 -37.82
C GLU D 218 -14.01 16.67 -38.18
N ILE D 219 -13.41 17.37 -37.22
CA ILE D 219 -12.13 18.05 -37.45
C ILE D 219 -11.06 17.53 -36.48
N VAL D 220 -9.94 17.12 -37.04
CA VAL D 220 -8.81 16.64 -36.26
C VAL D 220 -7.63 17.55 -36.55
N ILE D 221 -7.05 18.08 -35.49
CA ILE D 221 -5.78 18.79 -35.56
C ILE D 221 -4.76 18.02 -34.71
N ILE D 222 -3.75 17.44 -35.35
CA ILE D 222 -2.69 16.76 -34.63
C ILE D 222 -1.52 17.72 -34.61
N THR D 223 -1.15 18.20 -33.44
CA THR D 223 -0.01 19.09 -33.34
C THR D 223 1.30 18.28 -33.43
N LEU D 224 2.29 18.85 -34.09
CA LEU D 224 3.48 18.12 -34.52
C LEU D 224 4.76 18.77 -34.02
N GLY D 225 4.68 19.39 -32.86
CA GLY D 225 5.84 20.05 -32.29
C GLY D 225 6.29 21.20 -33.16
N SER D 226 7.50 21.10 -33.69
CA SER D 226 8.02 22.17 -34.52
C SER D 226 7.62 22.00 -36.01
N LYS D 227 6.99 20.87 -36.32
CA LYS D 227 6.65 20.55 -37.71
C LYS D 227 5.25 21.03 -38.12
N GLY D 228 4.63 21.84 -37.27
CA GLY D 228 3.34 22.47 -37.61
C GLY D 228 2.17 21.68 -37.02
N VAL D 229 1.08 21.57 -37.75
CA VAL D 229 0.00 20.66 -37.39
C VAL D 229 -0.44 19.90 -38.61
N TRP D 230 -1.02 18.73 -38.37
CA TRP D 230 -1.77 18.02 -39.40
C TRP D 230 -3.23 18.32 -39.20
N LEU D 231 -3.82 19.03 -40.14
CA LEU D 231 -5.25 19.34 -40.10
C LEU D 231 -6.00 18.39 -41.02
N SER D 232 -7.00 17.71 -40.48
CA SER D 232 -7.85 16.90 -41.32
C SER D 232 -9.29 17.32 -41.08
N GLN D 233 -9.93 17.79 -42.14
CA GLN D 233 -11.30 18.24 -42.06
C GLN D 233 -12.14 17.24 -42.81
N ASN D 234 -12.97 16.49 -42.09
CA ASN D 234 -13.84 15.53 -42.73
C ASN D 234 -13.08 14.61 -43.69
N GLY D 235 -11.88 14.18 -43.29
CA GLY D 235 -11.10 13.28 -44.10
C GLY D 235 -10.04 13.92 -45.00
N ARG D 236 -10.13 15.22 -45.26
CA ARG D 236 -9.14 15.85 -46.12
C ARG D 236 -8.00 16.50 -45.33
N GLY D 237 -6.80 16.00 -45.53
CA GLY D 237 -5.67 16.38 -44.70
C GLY D 237 -4.57 17.22 -45.33
N GLN D 238 -3.91 17.99 -44.47
CA GLN D 238 -2.82 18.86 -44.88
C GLN D 238 -1.93 19.22 -43.71
N ARG D 239 -0.66 19.45 -43.99
CA ARG D 239 0.24 19.96 -42.96
C ARG D 239 0.29 21.49 -43.05
N ILE D 240 0.09 22.15 -41.92
CA ILE D 240 0.24 23.60 -41.87
C ILE D 240 1.46 23.88 -41.01
N PRO D 241 2.57 24.30 -41.63
CA PRO D 241 3.80 24.50 -40.87
C PRO D 241 3.64 25.59 -39.83
N GLY D 242 4.39 25.44 -38.75
CA GLY D 242 4.41 26.48 -37.72
C GLY D 242 5.55 27.45 -37.97
N PHE D 243 5.88 28.23 -36.96
CA PHE D 243 6.96 29.21 -37.08
C PHE D 243 8.29 28.65 -36.64
N VAL D 244 9.36 29.27 -37.12
CA VAL D 244 10.72 28.86 -36.81
C VAL D 244 11.23 29.68 -35.62
N VAL D 245 11.25 29.04 -34.46
CA VAL D 245 11.76 29.68 -33.25
C VAL D 245 12.57 28.68 -32.42
N LYS D 246 13.53 29.20 -31.65
CA LYS D 246 14.27 28.36 -30.66
C LYS D 246 13.30 27.95 -29.53
N ALA D 247 13.33 26.68 -29.17
CA ALA D 247 12.50 26.17 -28.06
C ALA D 247 13.15 26.44 -26.70
N THR D 248 12.44 27.15 -25.82
CA THR D 248 12.97 27.50 -24.51
C THR D 248 12.22 26.74 -23.44
N ASP D 249 10.90 26.88 -23.45
CA ASP D 249 10.03 26.19 -22.51
C ASP D 249 8.69 25.97 -23.18
N THR D 250 8.38 24.71 -23.48
CA THR D 250 7.18 24.40 -24.24
C THR D 250 6.04 23.91 -23.37
N THR D 251 6.16 24.10 -22.05
CA THR D 251 5.19 23.59 -21.08
C THR D 251 3.75 24.03 -21.38
N ALA D 252 3.62 25.27 -21.82
CA ALA D 252 2.29 25.84 -22.03
C ALA D 252 1.98 26.03 -23.51
N ALA D 253 2.74 25.39 -24.39
CA ALA D 253 2.56 25.62 -25.82
C ALA D 253 1.23 25.09 -26.37
N GLY D 254 0.86 23.88 -25.98
CA GLY D 254 -0.40 23.29 -26.40
C GLY D 254 -1.59 24.07 -25.85
N ASP D 255 -1.47 24.51 -24.60
CA ASP D 255 -2.53 25.29 -23.98
C ASP D 255 -2.73 26.61 -24.69
N THR D 256 -1.61 27.28 -25.02
CA THR D 256 -1.64 28.54 -25.76
C THR D 256 -2.24 28.33 -27.15
N PHE D 257 -1.85 27.23 -27.80
CA PHE D 257 -2.37 26.90 -29.13
C PHE D 257 -3.90 26.78 -29.10
N ASN D 258 -4.40 26.03 -28.12
CA ASN D 258 -5.84 25.84 -27.97
C ASN D 258 -6.57 27.12 -27.63
N GLY D 259 -6.00 27.91 -26.72
CA GLY D 259 -6.58 29.17 -26.34
C GLY D 259 -6.71 30.11 -27.53
N ALA D 260 -5.63 30.22 -28.31
CA ALA D 260 -5.59 31.18 -29.41
C ALA D 260 -6.40 30.67 -30.60
N LEU D 261 -6.43 29.35 -30.79
CA LEU D 261 -7.21 28.74 -31.87
C LEU D 261 -8.70 29.11 -31.77
N VAL D 262 -9.29 28.83 -30.62
CA VAL D 262 -10.73 29.07 -30.46
C VAL D 262 -11.03 30.58 -30.49
N THR D 263 -10.10 31.37 -29.98
CA THR D 263 -10.26 32.82 -30.02
C THR D 263 -10.35 33.28 -31.47
N GLY D 264 -9.45 32.77 -32.29
CA GLY D 264 -9.46 33.04 -33.72
C GLY D 264 -10.76 32.64 -34.38
N LEU D 265 -11.25 31.45 -34.07
CA LEU D 265 -12.49 30.93 -34.66
C LEU D 265 -13.68 31.79 -34.25
N LEU D 266 -13.66 32.29 -33.01
CA LEU D 266 -14.72 33.15 -32.50
C LEU D 266 -14.78 34.48 -33.25
N GLN D 267 -13.67 34.86 -33.86
CA GLN D 267 -13.59 36.06 -34.69
C GLN D 267 -13.96 35.78 -36.13
N GLU D 268 -14.49 34.58 -36.37
CA GLU D 268 -14.89 34.12 -37.70
C GLU D 268 -13.72 33.98 -38.67
N MET D 269 -12.53 33.73 -38.14
CA MET D 269 -11.42 33.37 -39.03
C MET D 269 -11.70 32.00 -39.61
N PRO D 270 -11.39 31.82 -40.90
CA PRO D 270 -11.39 30.48 -41.47
C PRO D 270 -10.45 29.60 -40.63
N LEU D 271 -10.77 28.31 -40.48
CA LEU D 271 -10.02 27.42 -39.60
C LEU D 271 -8.52 27.44 -39.89
N GLU D 272 -8.16 27.39 -41.17
CA GLU D 272 -6.76 27.44 -41.59
C GLU D 272 -6.08 28.71 -41.08
N SER D 273 -6.78 29.84 -41.14
CA SER D 273 -6.24 31.10 -40.61
C SER D 273 -6.15 31.10 -39.10
N ALA D 274 -7.16 30.54 -38.44
CA ALA D 274 -7.14 30.39 -36.98
C ALA D 274 -5.93 29.56 -36.52
N ILE D 275 -5.64 28.49 -37.25
CA ILE D 275 -4.48 27.66 -36.95
C ILE D 275 -3.17 28.44 -37.06
N LYS D 276 -3.03 29.25 -38.12
CA LYS D 276 -1.83 30.07 -38.28
C LYS D 276 -1.73 31.08 -37.16
N PHE D 277 -2.85 31.71 -36.83
CA PHE D 277 -2.95 32.63 -35.69
C PHE D 277 -2.48 31.92 -34.41
N ALA D 278 -3.00 30.71 -34.17
CA ALA D 278 -2.59 29.93 -33.00
C ALA D 278 -1.10 29.53 -33.02
N HIS D 279 -0.59 29.17 -34.21
CA HIS D 279 0.83 28.88 -34.37
C HIS D 279 1.67 30.06 -33.86
N ALA D 280 1.23 31.28 -34.17
CA ALA D 280 1.97 32.48 -33.76
C ALA D 280 2.03 32.60 -32.24
N ALA D 281 0.86 32.50 -31.60
CA ALA D 281 0.76 32.58 -30.16
C ALA D 281 1.57 31.46 -29.51
N ALA D 282 1.40 30.25 -30.03
CA ALA D 282 2.13 29.12 -29.48
C ALA D 282 3.64 29.27 -29.65
N ALA D 283 4.10 29.80 -30.79
CA ALA D 283 5.53 30.02 -31.00
C ALA D 283 6.10 30.99 -29.97
N ILE D 284 5.37 32.07 -29.69
CA ILE D 284 5.82 33.05 -28.70
C ILE D 284 6.00 32.34 -27.34
N SER D 285 5.00 31.55 -26.96
CA SER D 285 5.07 30.79 -25.70
C SER D 285 6.26 29.82 -25.67
N VAL D 286 6.50 29.08 -26.75
CA VAL D 286 7.63 28.14 -26.71
C VAL D 286 8.96 28.86 -26.61
N THR D 287 9.05 30.06 -27.18
CA THR D 287 10.34 30.71 -27.33
C THR D 287 10.67 31.48 -26.07
N ARG D 288 9.63 31.72 -25.26
CA ARG D 288 9.78 32.44 -24.02
C ARG D 288 10.09 31.53 -22.85
N PHE D 289 10.92 32.04 -21.94
CA PHE D 289 11.15 31.46 -20.64
C PHE D 289 9.82 31.49 -19.90
N GLY D 290 9.58 30.49 -19.06
CA GLY D 290 8.35 30.47 -18.30
C GLY D 290 7.27 29.62 -18.94
N ALA D 291 6.22 29.33 -18.18
CA ALA D 291 5.12 28.48 -18.64
C ALA D 291 3.84 29.28 -18.81
N GLN D 292 3.03 29.41 -17.77
CA GLN D 292 1.86 30.28 -17.92
C GLN D 292 2.25 31.75 -18.17
N THR D 293 3.40 32.17 -17.64
CA THR D 293 3.87 33.52 -17.86
C THR D 293 4.25 33.73 -19.33
N SER D 294 4.45 32.60 -20.02
CA SER D 294 4.78 32.56 -21.44
C SER D 294 3.65 32.97 -22.33
N ILE D 295 2.43 32.75 -21.87
CA ILE D 295 1.28 32.87 -22.72
C ILE D 295 1.10 34.33 -23.12
N PRO D 296 1.17 34.63 -24.44
CA PRO D 296 1.21 36.00 -24.94
C PRO D 296 -0.14 36.70 -24.92
N THR D 297 -0.13 38.02 -25.07
CA THR D 297 -1.35 38.81 -25.24
C THR D 297 -1.68 39.03 -26.71
N ARG D 298 -2.92 39.43 -26.97
CA ARG D 298 -3.37 39.70 -28.34
C ARG D 298 -2.38 40.61 -29.07
N ALA D 299 -1.92 41.67 -28.41
CA ALA D 299 -1.03 42.64 -29.05
C ALA D 299 0.34 42.03 -29.33
N GLU D 300 0.78 41.11 -28.47
CA GLU D 300 2.06 40.46 -28.72
C GLU D 300 1.95 39.52 -29.91
N VAL D 301 0.81 38.86 -30.05
CA VAL D 301 0.58 37.95 -31.19
C VAL D 301 0.49 38.74 -32.50
N GLU D 302 -0.23 39.86 -32.46
CA GLU D 302 -0.31 40.75 -33.63
C GLU D 302 1.08 41.22 -34.06
N ALA D 303 1.88 41.70 -33.11
CA ALA D 303 3.21 42.20 -33.43
C ALA D 303 4.06 41.10 -34.06
N PHE D 304 4.01 39.91 -33.46
CA PHE D 304 4.74 38.76 -33.96
C PHE D 304 4.34 38.43 -35.40
N LEU D 305 3.03 38.42 -35.68
CA LEU D 305 2.59 38.14 -37.03
C LEU D 305 3.09 39.21 -37.99
N ALA D 306 2.98 40.47 -37.58
CA ALA D 306 3.41 41.58 -38.44
C ALA D 306 4.90 41.46 -38.78
N GLU D 307 5.68 41.00 -37.81
CA GLU D 307 7.12 40.80 -37.97
C GLU D 307 7.49 39.55 -38.76
N HIS D 308 6.54 38.65 -38.95
CA HIS D 308 6.78 37.44 -39.71
C HIS D 308 5.98 37.41 -41.00
N SER D 309 5.60 38.60 -41.47
CA SER D 309 4.80 38.71 -42.69
C SER D 309 5.35 39.80 -43.60
#